data_6MGL
#
_entry.id   6MGL
#
_cell.length_a   61.170
_cell.length_b   100.840
_cell.length_c   118.689
_cell.angle_alpha   90.00
_cell.angle_beta   90.00
_cell.angle_gamma   90.00
#
_symmetry.space_group_name_H-M   'P 21 21 21'
#
loop_
_entity.id
_entity.type
_entity.pdbx_description
1 polymer Xyloglucanase
2 branched alpha-D-xylopyranose-(1-6)-beta-D-glucopyranose-(1-4)-[alpha-D-xylopyranose-(1-6)]beta-D-glucopyranose-(1-4)-[beta-D-galactopyranose-(1-2)-alpha-D-xylopyranose-(1-6)]beta-D-glucopyranose-(1-4)-beta-D-glucopyranose
3 branched alpha-D-xylopyranose-(1-6)-beta-D-glucopyranose-(1-4)-beta-D-glucopyranose-(1-4)-[alpha-D-xylopyranose-(1-6)]beta-D-glucopyranose-(1-4)-[alpha-D-xylopyranose-(1-6)]beta-D-glucopyranose-(1-4)-[beta-D-galactopyranose-(1-2)-alpha-D-xylopyranose-(1-6)]beta-D-glucopyranose-(1-4)-beta-D-glucopyranose
4 non-polymer 'CHLORIDE ION'
5 non-polymer 'MAGNESIUM ION'
6 non-polymer 3,6,9,12,15,18,21,24,27,30,33,36,39-TRIDECAOXAHENTETRACONTANE-1,41-DIOL
7 non-polymer GLYCEROL
8 water water
#
_entity_poly.entity_id   1
_entity_poly.type   'polypeptide(L)'
_entity_poly.pdbx_seq_one_letter_code
;GMSEPYTWKSVVTGAGGGFVPGIIFNQTEPNLIYARTAIGGAYRWNQATSSWVSISDSVGWVDWNKNGVDALATDPIDPN
KVYMATGTYTNHWDNNGQIMRSNDRGNTWQTTPLPFKVGGNMPGRSAGERLVIDPNKNNILYFGARSGNGLWKSIDSGVT
WSKVTSFPNVGTYIQNPTLDYGNDLVGLSWITFDKSTGTLGNATQTIYVGVADTASSVYRSTDGGVTWTALAGQPTGFLP
HHGELSSTGDLYITYSNGVGPYDGSKGEVWKYNKTSGAWTNISPTTGTDNWYGFGGLALDAQHPNTLMVSSLNAWWPDEV
IFRSTNGGATWSRIWDWGNYPERTYKFSMDITAAPWLDHGTTSTSLDPSPKLGWMMGDLEIDPFNSNRMMYGTGATIYGS
NNLTSWDTGGKVNISVMAKGVEETAVLGLISPPTGTSHLITALGDVSGFRHEDLSVAPTKFQTSPSWATTMSIDYAELSP
SYMVRVGSADKEKTPSMKSIGISNDGGVNWYMPNSEPSNGTKTTVGHGQVAVSASGNSILWSTSDIGVYYSKTSGNSWTA
SAGLPAGAKIASDRVNPNKYYGFYAGTFYVSVDGGATFTATGASGFPTNNVAGLQPNEAQISMKAVPGIEGDIWFAGGNT
VENKYGLWHSTNSGASFTKLTNVEEADLIGYGKAAPGQTYMSLYTVAKIDGVRGVFRSDDVGATWVRINDDAHQYAKINM
AITGDPRIYGRVYLGTNGRGTLYADPV
;
_entity_poly.pdbx_strand_id   A
#
loop_
_chem_comp.id
_chem_comp.type
_chem_comp.name
_chem_comp.formula
BGC D-saccharide, beta linking beta-D-glucopyranose 'C6 H12 O6'
CL non-polymer 'CHLORIDE ION' 'Cl -1'
GAL D-saccharide, beta linking beta-D-galactopyranose 'C6 H12 O6'
GOL non-polymer GLYCEROL 'C3 H8 O3'
MG non-polymer 'MAGNESIUM ION' 'Mg 2'
PE3 non-polymer 3,6,9,12,15,18,21,24,27,30,33,36,39-TRIDECAOXAHENTETRACONTANE-1,41-DIOL 'C28 H58 O15'
XYS D-saccharide, alpha linking alpha-D-xylopyranose 'C5 H10 O5'
#
# COMPACT_ATOMS: atom_id res chain seq x y z
N GLY A 1 -28.69 12.52 5.28
CA GLY A 1 -28.66 12.87 6.68
C GLY A 1 -28.04 14.24 6.91
N MET A 2 -27.42 14.40 8.08
CA MET A 2 -26.78 15.66 8.42
C MET A 2 -25.29 15.56 8.16
N SER A 3 -24.69 16.67 7.78
CA SER A 3 -23.26 16.72 7.48
C SER A 3 -22.66 17.97 8.09
N GLU A 4 -21.38 17.88 8.44
CA GLU A 4 -20.63 19.01 8.99
CA GLU A 4 -20.63 19.01 8.97
C GLU A 4 -19.29 19.07 8.23
N PRO A 5 -19.00 20.14 7.51
CA PRO A 5 -17.76 20.16 6.72
C PRO A 5 -16.51 20.16 7.58
N TYR A 6 -15.52 19.38 7.14
CA TYR A 6 -14.27 19.16 7.84
C TYR A 6 -13.12 19.44 6.88
N THR A 7 -11.92 19.60 7.44
CA THR A 7 -10.68 19.72 6.68
C THR A 7 -9.88 18.45 6.87
N TRP A 8 -9.65 17.73 5.77
CA TRP A 8 -9.01 16.43 5.77
C TRP A 8 -7.56 16.57 5.30
N LYS A 9 -6.62 16.12 6.12
CA LYS A 9 -5.19 16.18 5.81
C LYS A 9 -4.52 14.84 6.12
N SER A 10 -3.42 14.57 5.44
CA SER A 10 -2.63 13.39 5.75
C SER A 10 -1.74 13.60 6.97
N VAL A 11 -1.64 12.56 7.80
CA VAL A 11 -0.54 12.48 8.76
C VAL A 11 0.72 12.15 7.97
N VAL A 12 1.73 13.01 8.07
CA VAL A 12 2.89 12.91 7.18
C VAL A 12 3.86 11.80 7.62
N THR A 13 4.24 10.92 6.67
CA THR A 13 5.34 9.98 6.91
C THR A 13 6.58 10.33 6.10
N GLY A 14 6.48 11.26 5.17
CA GLY A 14 7.66 11.67 4.39
C GLY A 14 7.96 10.82 3.19
N ALA A 15 7.94 9.51 3.37
CA ALA A 15 8.27 8.57 2.32
C ALA A 15 7.07 7.85 1.71
N GLY A 16 5.91 7.88 2.34
CA GLY A 16 4.78 7.11 1.80
C GLY A 16 4.66 5.71 2.35
N GLY A 17 5.75 4.92 2.26
CA GLY A 17 5.78 3.65 2.94
C GLY A 17 5.14 2.47 2.22
N GLY A 18 4.84 2.61 0.91
CA GLY A 18 4.36 1.52 0.11
C GLY A 18 4.99 1.54 -1.27
N PHE A 19 4.65 0.52 -2.04
CA PHE A 19 5.26 0.29 -3.35
C PHE A 19 4.65 1.19 -4.41
N VAL A 20 5.53 1.82 -5.19
CA VAL A 20 5.05 2.63 -6.32
C VAL A 20 5.44 1.90 -7.60
N PRO A 21 4.52 1.16 -8.22
CA PRO A 21 4.90 0.37 -9.40
C PRO A 21 4.96 1.15 -10.69
N GLY A 22 4.44 2.38 -10.73
CA GLY A 22 4.51 3.14 -11.95
C GLY A 22 4.54 4.63 -11.73
N ILE A 23 5.44 5.28 -12.46
CA ILE A 23 5.55 6.72 -12.55
C ILE A 23 5.42 7.07 -14.03
N ILE A 24 4.54 8.02 -14.35
CA ILE A 24 4.18 8.29 -15.74
C ILE A 24 4.37 9.76 -16.02
N PHE A 25 5.33 10.10 -16.91
CA PHE A 25 5.54 11.47 -17.35
C PHE A 25 4.71 11.78 -18.59
N ASN A 26 4.03 12.91 -18.59
CA ASN A 26 3.41 13.39 -19.83
C ASN A 26 4.50 13.75 -20.84
N GLN A 27 4.22 13.48 -22.11
CA GLN A 27 5.27 13.60 -23.12
C GLN A 27 5.31 14.96 -23.77
N THR A 28 4.37 15.83 -23.48
CA THR A 28 4.40 17.15 -24.09
C THR A 28 4.38 18.31 -23.10
N GLU A 29 3.86 18.13 -21.88
CA GLU A 29 3.83 19.24 -20.91
C GLU A 29 4.89 19.02 -19.83
N PRO A 30 5.88 19.91 -19.73
CA PRO A 30 6.89 19.76 -18.67
C PRO A 30 6.27 19.75 -17.29
N ASN A 31 6.82 18.87 -16.45
CA ASN A 31 6.51 18.75 -15.03
C ASN A 31 5.14 18.17 -14.76
N LEU A 32 4.48 17.60 -15.76
CA LEU A 32 3.23 16.89 -15.56
C LEU A 32 3.58 15.42 -15.38
N ILE A 33 3.41 14.94 -14.15
CA ILE A 33 3.82 13.59 -13.75
C ILE A 33 2.71 12.98 -12.92
N TYR A 34 2.48 11.69 -13.12
CA TYR A 34 1.58 10.92 -12.26
C TYR A 34 2.32 9.74 -11.65
N ALA A 35 1.79 9.26 -10.53
CA ALA A 35 2.27 8.05 -9.91
C ALA A 35 1.09 7.17 -9.55
N ARG A 36 1.25 5.86 -9.72
CA ARG A 36 0.18 4.93 -9.41
C ARG A 36 0.65 3.90 -8.39
N THR A 37 -0.30 3.43 -7.58
CA THR A 37 -0.04 2.49 -6.49
C THR A 37 -0.96 1.29 -6.59
N ALA A 38 -0.62 0.26 -5.81
CA ALA A 38 -1.33 -1.00 -5.89
C ALA A 38 -2.63 -1.01 -5.11
N ILE A 39 -2.70 -0.24 -4.01
CA ILE A 39 -3.88 -0.29 -3.16
C ILE A 39 -4.27 1.11 -2.74
N GLY A 40 -3.56 2.13 -3.22
CA GLY A 40 -3.79 3.47 -2.69
C GLY A 40 -4.08 4.56 -3.70
N GLY A 41 -4.63 4.19 -4.87
CA GLY A 41 -4.96 5.16 -5.89
C GLY A 41 -3.73 5.73 -6.58
N ALA A 42 -3.91 6.93 -7.10
CA ALA A 42 -2.90 7.57 -7.92
C ALA A 42 -2.68 8.98 -7.42
N TYR A 43 -1.63 9.61 -7.94
CA TYR A 43 -1.18 10.92 -7.52
C TYR A 43 -0.78 11.72 -8.75
N ARG A 44 -0.80 13.04 -8.60
CA ARG A 44 -0.26 13.96 -9.61
C ARG A 44 0.73 14.89 -8.94
N TRP A 45 1.83 15.15 -9.62
CA TRP A 45 2.91 15.98 -9.09
C TRP A 45 2.57 17.48 -9.20
N ASN A 46 3.10 18.23 -8.25
CA ASN A 46 3.01 19.69 -8.25
C ASN A 46 4.44 20.23 -8.21
N GLN A 47 4.90 20.82 -9.31
CA GLN A 47 6.29 21.24 -9.40
C GLN A 47 6.61 22.39 -8.45
N ALA A 48 5.65 23.29 -8.22
CA ALA A 48 5.92 24.44 -7.36
C ALA A 48 6.22 24.03 -5.93
N THR A 49 5.55 22.98 -5.45
CA THR A 49 5.76 22.52 -4.07
C THR A 49 6.57 21.24 -3.99
N SER A 50 7.03 20.72 -5.13
CA SER A 50 7.80 19.47 -5.17
C SER A 50 7.11 18.38 -4.35
N SER A 51 5.82 18.18 -4.62
CA SER A 51 5.02 17.25 -3.83
C SER A 51 3.94 16.67 -4.71
N TRP A 52 3.31 15.62 -4.22
CA TRP A 52 2.25 14.90 -4.91
C TRP A 52 0.92 15.18 -4.23
N VAL A 53 -0.15 15.16 -5.02
CA VAL A 53 -1.52 15.23 -4.49
CA VAL A 53 -1.51 15.20 -4.46
C VAL A 53 -2.26 13.98 -4.95
N SER A 54 -3.01 13.38 -4.04
CA SER A 54 -3.83 12.23 -4.42
C SER A 54 -4.96 12.68 -5.34
N ILE A 55 -5.19 11.91 -6.40
CA ILE A 55 -6.34 12.16 -7.25
C ILE A 55 -7.41 11.09 -7.06
N SER A 56 -7.35 10.32 -5.97
CA SER A 56 -8.19 9.14 -5.79
C SER A 56 -9.10 9.19 -4.58
N ASP A 57 -9.18 10.32 -3.87
CA ASP A 57 -9.86 10.23 -2.58
C ASP A 57 -11.38 10.20 -2.69
N SER A 58 -11.95 10.39 -3.88
CA SER A 58 -13.38 10.13 -4.07
C SER A 58 -13.74 8.64 -4.05
N VAL A 59 -12.77 7.74 -4.23
CA VAL A 59 -13.06 6.31 -4.18
C VAL A 59 -13.57 5.98 -2.80
N GLY A 60 -14.68 5.25 -2.74
CA GLY A 60 -15.31 4.99 -1.47
C GLY A 60 -15.51 3.54 -1.11
N TRP A 61 -16.53 3.29 -0.29
CA TRP A 61 -16.73 2.01 0.36
C TRP A 61 -17.08 0.91 -0.64
N VAL A 62 -18.11 1.14 -1.47
CA VAL A 62 -18.57 0.11 -2.38
C VAL A 62 -17.62 -0.06 -3.55
N ASP A 63 -17.08 1.05 -4.06
CA ASP A 63 -16.20 1.02 -5.22
C ASP A 63 -14.73 1.06 -4.83
N TRP A 64 -14.40 0.47 -3.65
CA TRP A 64 -13.05 0.51 -3.08
C TRP A 64 -11.99 -0.06 -4.04
N ASN A 65 -12.39 -0.98 -4.93
CA ASN A 65 -11.37 -1.62 -5.75
C ASN A 65 -10.77 -0.65 -6.76
N LYS A 66 -11.33 0.56 -6.90
CA LYS A 66 -10.75 1.55 -7.80
C LYS A 66 -9.39 2.04 -7.33
N ASN A 67 -9.02 1.82 -6.06
CA ASN A 67 -7.71 2.28 -5.62
C ASN A 67 -6.60 1.33 -5.99
N GLY A 68 -6.92 0.23 -6.67
CA GLY A 68 -5.87 -0.56 -7.30
C GLY A 68 -5.64 -0.02 -8.69
N VAL A 69 -4.53 0.70 -8.90
CA VAL A 69 -4.31 1.40 -10.16
C VAL A 69 -3.28 0.61 -10.96
N ASP A 70 -3.80 -0.24 -11.84
CA ASP A 70 -2.95 -1.16 -12.60
C ASP A 70 -2.30 -0.46 -13.78
N ALA A 71 -2.86 0.65 -14.25
CA ALA A 71 -2.29 1.37 -15.38
C ALA A 71 -2.82 2.78 -15.40
N LEU A 72 -2.03 3.67 -15.99
CA LEU A 72 -2.41 5.08 -16.06
C LEU A 72 -1.84 5.68 -17.34
N ALA A 73 -2.67 6.45 -18.04
CA ALA A 73 -2.24 7.16 -19.25
C ALA A 73 -2.57 8.64 -19.16
N THR A 74 -1.61 9.48 -19.58
CA THR A 74 -1.76 10.93 -19.61
C THR A 74 -1.63 11.44 -21.04
N ASP A 75 -2.60 12.25 -21.45
CA ASP A 75 -2.82 12.60 -22.85
C ASP A 75 -1.78 13.61 -23.33
N PRO A 76 -1.00 13.30 -24.37
CA PRO A 76 -0.01 14.27 -24.84
C PRO A 76 -0.61 15.34 -25.75
N ILE A 77 -1.82 15.13 -26.26
CA ILE A 77 -2.45 16.15 -27.09
C ILE A 77 -3.25 17.14 -26.25
N ASP A 78 -4.01 16.65 -25.28
CA ASP A 78 -4.71 17.49 -24.31
C ASP A 78 -4.27 17.01 -22.94
N PRO A 79 -3.23 17.63 -22.36
CA PRO A 79 -2.72 17.13 -21.08
C PRO A 79 -3.68 17.30 -19.91
N ASN A 80 -4.86 17.90 -20.10
CA ASN A 80 -5.85 17.83 -19.03
C ASN A 80 -6.48 16.46 -18.90
N LYS A 81 -6.29 15.58 -19.90
CA LYS A 81 -6.96 14.28 -19.88
C LYS A 81 -6.05 13.21 -19.29
N VAL A 82 -6.63 12.36 -18.43
CA VAL A 82 -5.90 11.26 -17.82
C VAL A 82 -6.87 10.10 -17.61
N TYR A 83 -6.34 8.88 -17.70
CA TYR A 83 -7.14 7.67 -17.63
C TYR A 83 -6.46 6.68 -16.71
N MET A 84 -7.24 5.82 -16.06
CA MET A 84 -6.69 4.76 -15.22
C MET A 84 -7.42 3.46 -15.44
N ALA A 85 -6.68 2.36 -15.46
CA ALA A 85 -7.30 1.04 -15.40
C ALA A 85 -7.24 0.58 -13.95
N THR A 86 -8.41 0.41 -13.33
CA THR A 86 -8.44 0.14 -11.90
C THR A 86 -9.29 -1.09 -11.58
N GLY A 87 -9.05 -1.60 -10.37
CA GLY A 87 -9.53 -2.89 -9.92
C GLY A 87 -8.33 -3.52 -9.25
N THR A 88 -8.50 -4.24 -8.16
CA THR A 88 -7.38 -4.57 -7.30
C THR A 88 -6.92 -6.01 -7.41
N TYR A 89 -7.82 -7.00 -7.44
CA TYR A 89 -7.44 -8.40 -7.58
C TYR A 89 -8.19 -9.02 -8.75
N THR A 90 -7.55 -10.01 -9.36
CA THR A 90 -8.17 -10.80 -10.41
C THR A 90 -8.59 -12.19 -9.95
N ASN A 91 -8.46 -12.48 -8.66
CA ASN A 91 -8.91 -13.73 -8.08
C ASN A 91 -10.25 -13.48 -7.38
N HIS A 92 -10.64 -14.40 -6.51
CA HIS A 92 -11.94 -14.34 -5.85
C HIS A 92 -12.01 -13.24 -4.80
N TRP A 93 -10.93 -12.53 -4.53
CA TRP A 93 -10.99 -11.44 -3.56
C TRP A 93 -11.64 -10.17 -4.11
N ASP A 94 -11.96 -10.12 -5.40
CA ASP A 94 -12.40 -8.85 -5.98
C ASP A 94 -13.45 -9.13 -7.06
N ASN A 95 -14.13 -8.07 -7.47
CA ASN A 95 -15.07 -8.07 -8.58
C ASN A 95 -14.42 -7.42 -9.80
N ASN A 96 -15.20 -7.20 -10.85
CA ASN A 96 -14.67 -6.64 -12.08
C ASN A 96 -14.12 -5.22 -11.89
N GLY A 97 -13.19 -4.85 -12.77
CA GLY A 97 -12.56 -3.54 -12.78
C GLY A 97 -13.25 -2.56 -13.72
N GLN A 98 -12.52 -1.49 -14.05
CA GLN A 98 -13.11 -0.41 -14.83
C GLN A 98 -12.01 0.46 -15.41
N ILE A 99 -12.35 1.21 -16.44
CA ILE A 99 -11.51 2.29 -16.93
C ILE A 99 -12.10 3.60 -16.44
N MET A 100 -11.29 4.38 -15.76
CA MET A 100 -11.69 5.68 -15.25
C MET A 100 -11.09 6.76 -16.14
N ARG A 101 -11.84 7.83 -16.35
CA ARG A 101 -11.42 8.89 -17.23
C ARG A 101 -11.66 10.24 -16.57
N SER A 102 -10.75 11.16 -16.80
CA SER A 102 -10.84 12.50 -16.23
C SER A 102 -10.42 13.52 -17.27
N ASN A 103 -11.12 14.66 -17.29
CA ASN A 103 -10.75 15.79 -18.15
C ASN A 103 -10.16 16.96 -17.36
N ASP A 104 -9.82 16.74 -16.09
CA ASP A 104 -9.32 17.81 -15.25
C ASP A 104 -8.18 17.27 -14.39
N ARG A 105 -7.33 16.43 -15.01
CA ARG A 105 -6.10 15.92 -14.40
C ARG A 105 -6.36 15.15 -13.12
N GLY A 106 -7.54 14.54 -13.00
CA GLY A 106 -7.87 13.70 -11.89
C GLY A 106 -8.65 14.37 -10.79
N ASN A 107 -9.04 15.64 -10.96
CA ASN A 107 -9.90 16.29 -9.97
C ASN A 107 -11.25 15.57 -9.90
N THR A 108 -11.78 15.15 -11.04
CA THR A 108 -13.05 14.43 -11.10
C THR A 108 -12.95 13.31 -12.10
N TRP A 109 -13.78 12.30 -11.90
CA TRP A 109 -13.71 11.06 -12.65
C TRP A 109 -15.09 10.64 -13.13
N GLN A 110 -15.10 10.03 -14.31
CA GLN A 110 -16.18 9.17 -14.74
C GLN A 110 -15.60 7.78 -14.97
N THR A 111 -16.47 6.78 -15.00
CA THR A 111 -16.01 5.40 -15.03
C THR A 111 -16.84 4.56 -15.99
N THR A 112 -16.15 3.64 -16.65
CA THR A 112 -16.75 2.62 -17.49
C THR A 112 -16.40 1.24 -16.96
N PRO A 113 -17.36 0.48 -16.43
CA PRO A 113 -17.07 -0.88 -16.00
C PRO A 113 -16.55 -1.74 -17.12
N LEU A 114 -15.59 -2.62 -16.78
CA LEU A 114 -15.10 -3.63 -17.69
C LEU A 114 -15.71 -4.98 -17.34
N PRO A 115 -15.88 -5.88 -18.31
CA PRO A 115 -16.52 -7.16 -17.99
C PRO A 115 -15.53 -8.18 -17.46
N PHE A 116 -14.42 -7.71 -16.87
CA PHE A 116 -13.44 -8.64 -16.32
C PHE A 116 -12.68 -7.89 -15.23
N LYS A 117 -11.80 -8.61 -14.54
CA LYS A 117 -11.10 -8.06 -13.39
C LYS A 117 -9.79 -7.42 -13.79
N VAL A 118 -9.44 -6.37 -13.06
CA VAL A 118 -8.18 -5.64 -13.20
C VAL A 118 -7.36 -5.92 -11.95
N GLY A 119 -6.05 -5.86 -12.10
CA GLY A 119 -5.15 -6.40 -11.09
C GLY A 119 -4.15 -5.44 -10.49
N GLY A 120 -4.62 -4.30 -9.96
CA GLY A 120 -3.71 -3.30 -9.42
C GLY A 120 -2.80 -3.81 -8.32
N ASN A 121 -3.24 -4.84 -7.58
CA ASN A 121 -2.43 -5.45 -6.55
C ASN A 121 -2.11 -6.91 -6.83
N MET A 122 -1.94 -7.23 -8.12
CA MET A 122 -1.53 -8.55 -8.60
C MET A 122 -0.07 -8.56 -9.03
N PRO A 123 0.49 -9.75 -9.24
CA PRO A 123 1.85 -9.83 -9.80
C PRO A 123 1.96 -9.11 -11.13
N GLY A 124 3.17 -8.64 -11.42
CA GLY A 124 3.45 -8.00 -12.70
C GLY A 124 2.92 -6.59 -12.80
N ARG A 125 2.46 -6.01 -11.68
CA ARG A 125 1.89 -4.67 -11.72
C ARG A 125 2.89 -3.56 -12.02
N SER A 126 4.21 -3.82 -12.01
CA SER A 126 5.17 -2.80 -12.43
C SER A 126 5.53 -2.89 -13.91
N ALA A 127 5.15 -3.95 -14.61
CA ALA A 127 5.31 -3.95 -16.07
C ALA A 127 4.33 -2.94 -16.65
N GLY A 128 4.73 -2.22 -17.68
CA GLY A 128 3.78 -1.30 -18.29
C GLY A 128 4.48 -0.18 -19.04
N GLU A 129 3.71 0.88 -19.34
CA GLU A 129 2.26 0.97 -19.04
C GLU A 129 1.40 0.15 -19.99
N ARG A 130 0.30 -0.37 -19.45
CA ARG A 130 -0.63 -1.21 -20.19
C ARG A 130 -1.88 -0.47 -20.63
N LEU A 131 -1.98 0.82 -20.32
CA LEU A 131 -3.04 1.68 -20.85
C LEU A 131 -2.37 2.85 -21.53
N VAL A 132 -2.67 3.09 -22.81
CA VAL A 132 -1.96 4.11 -23.59
C VAL A 132 -2.94 4.86 -24.48
N ILE A 133 -2.55 6.10 -24.82
CA ILE A 133 -3.31 6.98 -25.70
C ILE A 133 -2.52 7.18 -26.98
N ASP A 134 -3.20 7.08 -28.13
CA ASP A 134 -2.55 7.32 -29.41
C ASP A 134 -2.04 8.77 -29.45
N PRO A 135 -0.73 8.98 -29.62
CA PRO A 135 -0.17 10.33 -29.53
C PRO A 135 -0.44 11.19 -30.75
N ASN A 136 -1.05 10.61 -31.78
CA ASN A 136 -1.48 11.38 -32.94
C ASN A 136 -2.99 11.54 -33.03
N LYS A 137 -3.75 10.70 -32.34
CA LYS A 137 -5.21 10.73 -32.47
C LYS A 137 -5.75 10.28 -31.12
N ASN A 138 -6.01 11.26 -30.25
CA ASN A 138 -6.07 10.92 -28.83
C ASN A 138 -7.41 10.37 -28.38
N ASN A 139 -8.39 10.22 -29.28
CA ASN A 139 -9.59 9.46 -28.94
C ASN A 139 -9.35 7.96 -28.93
N ILE A 140 -8.21 7.49 -29.46
CA ILE A 140 -7.88 6.07 -29.48
C ILE A 140 -7.04 5.73 -28.24
N LEU A 141 -7.46 4.70 -27.51
CA LEU A 141 -6.72 4.15 -26.39
C LEU A 141 -6.66 2.64 -26.53
N TYR A 142 -5.56 2.04 -26.08
CA TYR A 142 -5.44 0.59 -25.96
C TYR A 142 -5.18 0.22 -24.52
N PHE A 143 -5.67 -0.96 -24.12
CA PHE A 143 -5.49 -1.50 -22.78
C PHE A 143 -5.14 -2.98 -22.90
N GLY A 144 -4.00 -3.37 -22.32
CA GLY A 144 -3.59 -4.76 -22.32
C GLY A 144 -3.94 -5.38 -20.99
N ALA A 145 -4.76 -6.43 -21.03
CA ALA A 145 -5.48 -6.93 -19.87
C ALA A 145 -4.89 -8.24 -19.35
N ARG A 146 -5.34 -8.61 -18.15
CA ARG A 146 -4.91 -9.80 -17.45
C ARG A 146 -5.81 -10.99 -17.75
N SER A 147 -5.37 -12.17 -17.31
CA SER A 147 -6.20 -13.35 -17.09
C SER A 147 -6.73 -13.99 -18.37
N GLY A 148 -6.13 -13.70 -19.51
CA GLY A 148 -6.62 -14.20 -20.78
C GLY A 148 -7.53 -13.27 -21.53
N ASN A 149 -7.78 -12.08 -21.01
CA ASN A 149 -8.66 -11.13 -21.68
C ASN A 149 -7.99 -10.36 -22.81
N GLY A 150 -6.66 -10.43 -22.95
CA GLY A 150 -6.04 -9.94 -24.18
C GLY A 150 -6.03 -8.43 -24.31
N LEU A 151 -6.22 -7.95 -25.54
CA LEU A 151 -6.05 -6.54 -25.88
C LEU A 151 -7.42 -5.92 -26.12
N TRP A 152 -7.63 -4.73 -25.55
CA TRP A 152 -8.87 -3.99 -25.66
C TRP A 152 -8.59 -2.59 -26.17
N LYS A 153 -9.57 -2.00 -26.84
CA LYS A 153 -9.38 -0.72 -27.49
C LYS A 153 -10.62 0.13 -27.26
N SER A 154 -10.41 1.44 -27.16
CA SER A 154 -11.48 2.42 -27.22
C SER A 154 -11.20 3.40 -28.35
N ILE A 155 -12.24 3.78 -29.10
CA ILE A 155 -12.10 4.84 -30.09
C ILE A 155 -12.88 6.08 -29.69
N ASP A 156 -13.48 6.10 -28.49
CA ASP A 156 -14.20 7.30 -28.09
C ASP A 156 -13.68 7.88 -26.78
N SER A 157 -12.36 8.04 -26.69
CA SER A 157 -11.71 8.68 -25.55
C SER A 157 -12.09 7.98 -24.25
N GLY A 158 -12.14 6.65 -24.29
CA GLY A 158 -12.25 5.86 -23.08
C GLY A 158 -13.65 5.58 -22.60
N VAL A 159 -14.69 6.06 -23.30
CA VAL A 159 -16.05 5.86 -22.83
C VAL A 159 -16.49 4.42 -23.06
N THR A 160 -16.21 3.89 -24.25
CA THR A 160 -16.60 2.56 -24.68
C THR A 160 -15.36 1.72 -25.00
N TRP A 161 -15.40 0.44 -24.59
CA TRP A 161 -14.29 -0.48 -24.77
C TRP A 161 -14.73 -1.74 -25.49
N SER A 162 -13.90 -2.24 -26.39
CA SER A 162 -14.18 -3.47 -27.10
CA SER A 162 -14.19 -3.47 -27.11
C SER A 162 -12.91 -4.29 -27.25
N LYS A 163 -13.08 -5.59 -27.32
CA LYS A 163 -11.96 -6.50 -27.47
CA LYS A 163 -11.94 -6.48 -27.47
C LYS A 163 -11.36 -6.37 -28.86
N VAL A 164 -10.02 -6.29 -28.92
CA VAL A 164 -9.31 -6.38 -30.20
C VAL A 164 -9.16 -7.87 -30.45
N THR A 165 -10.07 -8.43 -31.24
CA THR A 165 -10.07 -9.87 -31.49
CA THR A 165 -10.05 -9.87 -31.44
C THR A 165 -8.88 -10.32 -32.33
N SER A 166 -8.30 -9.42 -33.13
CA SER A 166 -7.16 -9.79 -33.95
C SER A 166 -5.84 -9.85 -33.20
N PHE A 167 -5.82 -9.64 -31.87
CA PHE A 167 -4.55 -9.82 -31.14
C PHE A 167 -4.38 -11.30 -30.79
N PRO A 168 -3.24 -11.90 -31.11
CA PRO A 168 -3.14 -13.37 -31.18
C PRO A 168 -2.52 -14.05 -29.97
N ASN A 169 -2.18 -13.32 -28.93
CA ASN A 169 -1.53 -13.93 -27.77
C ASN A 169 -2.03 -13.20 -26.53
N VAL A 170 -2.76 -13.91 -25.66
CA VAL A 170 -3.30 -13.27 -24.45
C VAL A 170 -2.40 -13.55 -23.25
N GLY A 171 -1.25 -14.14 -23.50
CA GLY A 171 -0.30 -14.44 -22.45
C GLY A 171 -0.30 -15.92 -22.13
N THR A 172 0.83 -16.38 -21.60
CA THR A 172 0.96 -17.76 -21.15
C THR A 172 1.54 -17.92 -19.75
N TYR A 173 2.25 -16.94 -19.22
CA TYR A 173 2.90 -17.10 -17.94
C TYR A 173 1.93 -16.92 -16.77
N ILE A 174 2.10 -17.75 -15.73
CA ILE A 174 1.32 -17.71 -14.50
C ILE A 174 2.30 -17.74 -13.34
N GLN A 175 2.22 -16.75 -12.43
CA GLN A 175 3.24 -16.69 -11.38
C GLN A 175 3.07 -17.79 -10.35
N ASN A 176 1.85 -18.00 -9.87
CA ASN A 176 1.58 -18.93 -8.76
C ASN A 176 0.50 -19.93 -9.15
N PRO A 177 0.82 -20.88 -10.03
CA PRO A 177 -0.21 -21.79 -10.55
C PRO A 177 -0.89 -22.66 -9.48
N THR A 178 -0.26 -22.90 -8.33
CA THR A 178 -0.86 -23.75 -7.30
C THR A 178 -1.54 -22.97 -6.17
N LEU A 179 -1.45 -21.64 -6.19
CA LEU A 179 -2.00 -20.80 -5.14
C LEU A 179 -3.39 -20.30 -5.53
N ASP A 180 -4.06 -19.66 -4.57
CA ASP A 180 -5.31 -18.96 -4.80
C ASP A 180 -5.09 -17.48 -5.12
N TYR A 181 -3.84 -17.04 -5.22
CA TYR A 181 -3.48 -15.66 -5.53
C TYR A 181 -2.45 -15.69 -6.65
N GLY A 182 -2.78 -15.11 -7.81
CA GLY A 182 -1.87 -15.13 -8.93
C GLY A 182 -1.78 -16.44 -9.69
N ASN A 183 -2.84 -17.25 -9.67
CA ASN A 183 -2.90 -18.46 -10.49
C ASN A 183 -3.52 -18.20 -11.85
N ASP A 184 -3.82 -16.94 -12.16
CA ASP A 184 -4.29 -16.58 -13.49
C ASP A 184 -3.12 -16.12 -14.35
N LEU A 185 -3.39 -16.05 -15.66
CA LEU A 185 -2.43 -15.48 -16.60
C LEU A 185 -2.12 -14.05 -16.22
N VAL A 186 -0.83 -13.70 -16.21
CA VAL A 186 -0.47 -12.30 -16.07
C VAL A 186 -1.02 -11.48 -17.23
N GLY A 187 -0.94 -12.02 -18.45
CA GLY A 187 -1.54 -11.38 -19.60
C GLY A 187 -0.59 -10.46 -20.35
N LEU A 188 -1.08 -9.31 -20.80
CA LEU A 188 -0.29 -8.38 -21.58
C LEU A 188 0.54 -7.50 -20.64
N SER A 189 1.67 -6.99 -21.15
CA SER A 189 2.69 -6.40 -20.28
C SER A 189 2.94 -4.91 -20.50
N TRP A 190 2.85 -4.42 -21.73
CA TRP A 190 3.09 -3.01 -22.04
C TRP A 190 2.68 -2.77 -23.47
N ILE A 191 2.42 -1.50 -23.79
CA ILE A 191 2.03 -1.05 -25.13
C ILE A 191 2.78 0.22 -25.45
N THR A 192 3.35 0.28 -26.65
CA THR A 192 4.22 1.39 -27.04
C THR A 192 3.92 1.77 -28.49
N PHE A 193 3.48 3.00 -28.70
CA PHE A 193 3.26 3.53 -30.04
C PHE A 193 4.57 3.98 -30.67
N ASP A 194 4.62 4.00 -32.01
CA ASP A 194 5.70 4.69 -32.71
C ASP A 194 5.07 5.96 -33.28
N LYS A 195 5.25 7.08 -32.57
CA LYS A 195 4.54 8.31 -32.97
C LYS A 195 4.89 8.75 -34.38
N SER A 196 6.09 8.41 -34.87
CA SER A 196 6.51 8.81 -36.22
C SER A 196 5.66 8.15 -37.30
N THR A 197 4.84 7.16 -36.97
CA THR A 197 4.02 6.47 -37.95
C THR A 197 2.57 6.98 -37.96
N GLY A 198 2.35 8.19 -37.45
CA GLY A 198 1.09 8.87 -37.61
C GLY A 198 1.36 10.36 -37.69
N THR A 199 0.30 11.12 -37.93
CA THR A 199 0.38 12.58 -37.90
C THR A 199 -0.85 13.06 -37.16
N LEU A 200 -0.80 14.30 -36.67
CA LEU A 200 -1.92 14.82 -35.87
C LEU A 200 -3.24 14.61 -36.59
N GLY A 201 -4.20 13.96 -35.92
CA GLY A 201 -5.49 13.67 -36.50
C GLY A 201 -5.61 12.33 -37.19
N ASN A 202 -4.54 11.55 -37.30
CA ASN A 202 -4.52 10.32 -38.07
C ASN A 202 -3.91 9.23 -37.21
N ALA A 203 -4.60 8.07 -37.14
CA ALA A 203 -4.19 7.02 -36.22
C ALA A 203 -2.73 6.62 -36.43
N THR A 204 -2.02 6.43 -35.32
CA THR A 204 -0.66 5.92 -35.38
C THR A 204 -0.66 4.49 -35.93
N GLN A 205 0.14 4.25 -36.96
CA GLN A 205 0.04 2.95 -37.63
C GLN A 205 0.88 1.84 -37.00
N THR A 206 1.99 2.15 -36.35
CA THR A 206 2.84 1.12 -35.76
C THR A 206 2.70 1.13 -34.24
N ILE A 207 2.33 -0.02 -33.69
CA ILE A 207 2.10 -0.22 -32.26
C ILE A 207 2.84 -1.48 -31.83
N TYR A 208 3.57 -1.41 -30.73
CA TYR A 208 4.28 -2.55 -30.17
C TYR A 208 3.59 -2.98 -28.88
N VAL A 209 3.51 -4.29 -28.65
CA VAL A 209 2.85 -4.82 -27.45
C VAL A 209 3.72 -5.93 -26.87
N GLY A 210 4.00 -5.86 -25.58
CA GLY A 210 4.68 -6.93 -24.88
C GLY A 210 3.67 -7.81 -24.18
N VAL A 211 3.99 -9.11 -24.10
CA VAL A 211 3.08 -10.14 -23.63
C VAL A 211 3.83 -11.05 -22.69
N ALA A 212 3.21 -11.43 -21.57
CA ALA A 212 3.91 -12.29 -20.61
C ALA A 212 3.82 -13.73 -21.10
N ASP A 213 4.75 -14.08 -22.01
CA ASP A 213 4.83 -15.38 -22.65
C ASP A 213 6.29 -15.56 -23.02
N THR A 214 7.00 -16.45 -22.33
CA THR A 214 8.42 -16.56 -22.57
C THR A 214 8.73 -17.01 -23.99
N ALA A 215 7.78 -17.67 -24.67
CA ALA A 215 8.07 -18.20 -26.00
C ALA A 215 7.89 -17.19 -27.11
N SER A 216 7.11 -16.16 -26.88
CA SER A 216 6.78 -15.18 -27.91
C SER A 216 6.16 -13.99 -27.21
N SER A 217 6.97 -12.97 -26.95
CA SER A 217 6.58 -11.93 -26.02
C SER A 217 6.42 -10.54 -26.64
N VAL A 218 6.90 -10.32 -27.86
CA VAL A 218 6.86 -8.97 -28.44
C VAL A 218 6.10 -9.00 -29.75
N TYR A 219 5.06 -8.18 -29.85
CA TYR A 219 4.19 -8.10 -31.00
C TYR A 219 4.18 -6.70 -31.58
N ARG A 220 3.90 -6.60 -32.87
CA ARG A 220 3.83 -5.34 -33.57
C ARG A 220 2.66 -5.37 -34.53
N SER A 221 1.98 -4.24 -34.64
CA SER A 221 1.11 -3.95 -35.78
C SER A 221 1.72 -2.79 -36.55
N THR A 222 1.63 -2.82 -37.88
CA THR A 222 2.03 -1.67 -38.69
C THR A 222 0.87 -1.11 -39.50
N ASP A 223 -0.35 -1.58 -39.28
CA ASP A 223 -1.52 -1.07 -39.97
C ASP A 223 -2.56 -0.56 -38.98
N GLY A 224 -2.10 0.09 -37.92
CA GLY A 224 -3.03 0.74 -37.01
C GLY A 224 -3.80 -0.21 -36.12
N GLY A 225 -3.26 -1.39 -35.85
CA GLY A 225 -3.89 -2.33 -34.94
C GLY A 225 -4.92 -3.25 -35.58
N VAL A 226 -4.98 -3.30 -36.91
CA VAL A 226 -5.83 -4.26 -37.61
C VAL A 226 -5.20 -5.64 -37.59
N THR A 227 -3.90 -5.71 -37.87
CA THR A 227 -3.13 -6.95 -37.95
C THR A 227 -1.97 -6.92 -36.96
N TRP A 228 -1.78 -8.02 -36.23
CA TRP A 228 -0.76 -8.14 -35.19
C TRP A 228 0.13 -9.35 -35.47
N THR A 229 1.45 -9.14 -35.39
CA THR A 229 2.45 -10.14 -35.69
C THR A 229 3.57 -10.13 -34.65
N ALA A 230 3.99 -11.31 -34.22
CA ALA A 230 5.17 -11.41 -33.38
C ALA A 230 6.40 -10.94 -34.15
N LEU A 231 7.24 -10.17 -33.46
CA LEU A 231 8.48 -9.67 -34.07
C LEU A 231 9.42 -10.82 -34.39
N ALA A 232 9.74 -10.98 -35.66
CA ALA A 232 10.72 -11.99 -36.05
C ALA A 232 12.05 -11.72 -35.39
N GLY A 233 12.72 -12.78 -34.93
CA GLY A 233 14.06 -12.69 -34.42
C GLY A 233 14.17 -12.37 -32.95
N GLN A 234 13.06 -12.22 -32.26
CA GLN A 234 13.09 -11.80 -30.87
C GLN A 234 13.64 -12.92 -29.98
N PRO A 235 14.24 -12.55 -28.85
CA PRO A 235 14.75 -13.56 -27.92
C PRO A 235 13.61 -14.25 -27.19
N THR A 236 13.90 -15.45 -26.69
CA THR A 236 12.94 -16.26 -25.95
C THR A 236 13.48 -16.60 -24.57
N GLY A 237 12.55 -16.97 -23.69
CA GLY A 237 12.90 -17.48 -22.38
C GLY A 237 12.68 -16.51 -21.25
N PHE A 238 12.32 -15.26 -21.52
CA PHE A 238 12.14 -14.27 -20.47
C PHE A 238 10.83 -13.51 -20.70
N LEU A 239 10.57 -12.59 -19.78
CA LEU A 239 9.32 -11.84 -19.74
C LEU A 239 9.64 -10.34 -19.81
N PRO A 240 9.23 -9.63 -20.87
CA PRO A 240 9.64 -8.23 -21.03
C PRO A 240 8.82 -7.32 -20.12
N HIS A 241 9.53 -6.53 -19.31
CA HIS A 241 8.89 -5.65 -18.31
C HIS A 241 8.45 -4.33 -18.93
N HIS A 242 9.27 -3.80 -19.83
CA HIS A 242 9.04 -2.52 -20.49
C HIS A 242 9.61 -2.58 -21.90
N GLY A 243 9.04 -1.79 -22.79
CA GLY A 243 9.51 -1.61 -24.15
C GLY A 243 9.42 -0.14 -24.51
N GLU A 244 10.56 0.50 -24.77
CA GLU A 244 10.60 1.93 -25.02
C GLU A 244 11.33 2.20 -26.32
N LEU A 245 10.76 3.07 -27.14
CA LEU A 245 11.30 3.35 -28.46
C LEU A 245 12.04 4.68 -28.48
N SER A 246 13.33 4.63 -28.80
CA SER A 246 14.11 5.84 -29.02
C SER A 246 13.86 6.41 -30.42
N SER A 247 14.12 7.71 -30.57
CA SER A 247 14.00 8.36 -31.89
C SER A 247 15.01 7.84 -32.90
N THR A 248 16.03 7.08 -32.46
CA THR A 248 16.93 6.39 -33.36
C THR A 248 16.26 5.23 -34.06
N GLY A 249 15.08 4.83 -33.61
CA GLY A 249 14.45 3.64 -34.13
C GLY A 249 14.77 2.40 -33.34
N ASP A 250 15.63 2.51 -32.32
CA ASP A 250 15.91 1.39 -31.43
C ASP A 250 14.79 1.22 -30.42
N LEU A 251 14.19 0.02 -30.40
CA LEU A 251 13.22 -0.38 -29.38
C LEU A 251 13.97 -1.14 -28.30
N TYR A 252 14.00 -0.61 -27.09
CA TYR A 252 14.71 -1.20 -25.97
C TYR A 252 13.74 -1.99 -25.11
N ILE A 253 14.17 -3.17 -24.66
CA ILE A 253 13.27 -4.05 -23.91
C ILE A 253 14.02 -4.68 -22.75
N THR A 254 13.53 -4.48 -21.53
CA THR A 254 14.08 -5.15 -20.35
C THR A 254 13.33 -6.44 -20.10
N TYR A 255 14.05 -7.46 -19.67
CA TYR A 255 13.46 -8.77 -19.43
C TYR A 255 13.86 -9.32 -18.08
N SER A 256 12.92 -10.02 -17.46
CA SER A 256 13.16 -10.76 -16.24
C SER A 256 12.62 -12.17 -16.41
N ASN A 257 13.12 -13.13 -15.62
CA ASN A 257 12.47 -14.44 -15.66
C ASN A 257 11.25 -14.52 -14.74
N GLY A 258 10.88 -13.40 -14.12
CA GLY A 258 9.58 -13.28 -13.48
C GLY A 258 8.91 -12.00 -13.91
N VAL A 259 7.66 -11.83 -13.45
CA VAL A 259 6.95 -10.58 -13.67
C VAL A 259 7.02 -9.65 -12.47
N GLY A 260 7.57 -10.10 -11.33
CA GLY A 260 7.74 -9.21 -10.20
C GLY A 260 6.43 -9.00 -9.46
N PRO A 261 6.46 -8.16 -8.44
CA PRO A 261 7.56 -7.25 -8.12
C PRO A 261 8.67 -7.82 -7.24
N TYR A 262 8.51 -9.03 -6.67
CA TYR A 262 9.42 -9.53 -5.67
C TYR A 262 10.49 -10.48 -6.18
N ASP A 263 10.32 -11.04 -7.39
CA ASP A 263 11.19 -12.10 -7.88
C ASP A 263 12.07 -11.54 -8.99
N GLY A 264 12.55 -12.43 -9.86
CA GLY A 264 13.51 -12.07 -10.89
C GLY A 264 14.90 -12.50 -10.49
N SER A 265 15.32 -13.64 -11.01
CA SER A 265 16.62 -14.21 -10.66
C SER A 265 17.50 -14.39 -11.89
N LYS A 266 17.07 -13.86 -13.04
CA LYS A 266 17.83 -13.91 -14.27
CA LYS A 266 17.82 -13.93 -14.27
C LYS A 266 17.20 -12.92 -15.22
N GLY A 267 18.03 -12.29 -16.04
CA GLY A 267 17.44 -11.23 -16.86
C GLY A 267 18.30 -10.92 -18.07
N GLU A 268 17.67 -10.21 -19.02
CA GLU A 268 18.36 -9.73 -20.21
C GLU A 268 17.80 -8.36 -20.58
N VAL A 269 18.58 -7.61 -21.39
CA VAL A 269 18.12 -6.39 -22.03
C VAL A 269 18.47 -6.52 -23.50
N TRP A 270 17.53 -6.20 -24.38
CA TRP A 270 17.77 -6.25 -25.81
C TRP A 270 17.35 -4.92 -26.45
N LYS A 271 17.89 -4.69 -27.64
CA LYS A 271 17.32 -3.69 -28.51
C LYS A 271 17.08 -4.27 -29.88
N TYR A 272 16.08 -3.71 -30.55
CA TYR A 272 15.66 -4.10 -31.87
C TYR A 272 15.60 -2.81 -32.67
N ASN A 273 16.33 -2.72 -33.77
CA ASN A 273 16.30 -1.54 -34.63
C ASN A 273 15.15 -1.67 -35.62
N LYS A 274 14.21 -0.72 -35.59
CA LYS A 274 13.02 -0.81 -36.44
C LYS A 274 13.31 -0.66 -37.93
N THR A 275 14.44 -0.08 -38.31
CA THR A 275 14.72 0.16 -39.72
C THR A 275 15.58 -0.94 -40.31
N SER A 276 16.64 -1.33 -39.60
CA SER A 276 17.52 -2.40 -40.06
C SER A 276 17.01 -3.78 -39.67
N GLY A 277 16.20 -3.87 -38.62
CA GLY A 277 15.77 -5.14 -38.07
C GLY A 277 16.76 -5.85 -37.17
N ALA A 278 17.93 -5.26 -36.92
CA ALA A 278 18.92 -5.92 -36.08
C ALA A 278 18.45 -6.04 -34.62
N TRP A 279 18.64 -7.23 -34.04
CA TRP A 279 18.54 -7.45 -32.60
C TRP A 279 19.92 -7.49 -31.97
N THR A 280 20.07 -6.81 -30.82
CA THR A 280 21.34 -6.83 -30.09
C THR A 280 21.07 -7.09 -28.62
N ASN A 281 21.80 -8.04 -28.03
CA ASN A 281 21.71 -8.29 -26.60
C ASN A 281 22.63 -7.29 -25.91
N ILE A 282 22.04 -6.33 -25.19
CA ILE A 282 22.79 -5.27 -24.51
C ILE A 282 22.67 -5.43 -22.99
N SER A 283 22.50 -6.66 -22.53
CA SER A 283 22.38 -6.90 -21.09
C SER A 283 23.59 -6.33 -20.34
N PRO A 284 23.36 -5.51 -19.31
CA PRO A 284 24.50 -4.95 -18.56
C PRO A 284 25.35 -6.00 -17.89
N THR A 285 24.73 -7.07 -17.41
CA THR A 285 25.48 -8.14 -16.77
C THR A 285 24.98 -9.45 -17.33
N THR A 286 25.81 -10.47 -17.21
CA THR A 286 25.49 -11.76 -17.76
C THR A 286 26.24 -12.82 -16.96
N GLY A 287 25.93 -14.07 -17.28
CA GLY A 287 26.62 -15.16 -16.59
C GLY A 287 26.39 -15.15 -15.09
N THR A 288 27.43 -15.51 -14.33
CA THR A 288 27.30 -15.47 -12.87
C THR A 288 27.20 -14.07 -12.31
N ASP A 289 27.53 -13.05 -13.10
CA ASP A 289 27.38 -11.66 -12.69
C ASP A 289 25.93 -11.18 -12.83
N ASN A 290 25.04 -12.04 -13.32
CA ASN A 290 23.62 -11.74 -13.43
C ASN A 290 22.81 -12.80 -12.69
N TRP A 291 22.10 -12.36 -11.65
CA TRP A 291 21.25 -13.27 -10.89
C TRP A 291 19.92 -12.60 -10.59
N TYR A 292 19.47 -11.74 -11.52
CA TYR A 292 18.31 -10.89 -11.27
C TYR A 292 17.71 -10.53 -12.62
N GLY A 293 16.40 -10.26 -12.63
CA GLY A 293 15.79 -9.68 -13.81
C GLY A 293 16.22 -8.23 -14.00
N PHE A 294 15.91 -7.71 -15.18
CA PHE A 294 15.95 -6.28 -15.41
C PHE A 294 14.53 -5.78 -15.46
N GLY A 295 14.30 -4.66 -14.79
CA GLY A 295 12.94 -4.16 -14.61
C GLY A 295 12.80 -2.79 -15.20
N GLY A 296 13.10 -1.77 -14.39
CA GLY A 296 12.96 -0.41 -14.87
C GLY A 296 13.77 -0.15 -16.14
N LEU A 297 13.16 0.64 -17.03
CA LEU A 297 13.78 1.04 -18.28
C LEU A 297 13.47 2.52 -18.53
N ALA A 298 14.51 3.33 -18.62
CA ALA A 298 14.34 4.76 -18.80
C ALA A 298 15.19 5.23 -19.98
N LEU A 299 14.54 5.79 -20.99
CA LEU A 299 15.27 6.44 -22.08
C LEU A 299 15.36 7.94 -21.79
N ASP A 300 16.48 8.53 -22.20
CA ASP A 300 16.71 9.96 -22.12
C ASP A 300 16.13 10.61 -23.37
N ALA A 301 15.13 11.48 -23.20
CA ALA A 301 14.51 12.09 -24.38
C ALA A 301 15.41 13.07 -25.08
N GLN A 302 16.39 13.66 -24.38
CA GLN A 302 17.24 14.65 -25.01
C GLN A 302 18.39 14.02 -25.75
N HIS A 303 18.88 12.88 -25.25
CA HIS A 303 20.05 12.23 -25.80
C HIS A 303 19.62 10.85 -26.25
N PRO A 304 19.34 10.67 -27.56
CA PRO A 304 18.67 9.45 -28.04
C PRO A 304 19.37 8.12 -27.74
N ASN A 305 20.67 8.12 -27.45
CA ASN A 305 21.37 6.88 -27.14
C ASN A 305 21.68 6.75 -25.67
N THR A 306 21.07 7.57 -24.81
CA THR A 306 21.30 7.46 -23.38
C THR A 306 20.09 6.78 -22.75
N LEU A 307 20.36 5.81 -21.89
CA LEU A 307 19.28 5.09 -21.22
C LEU A 307 19.81 4.50 -19.92
N MET A 308 18.87 4.09 -19.07
CA MET A 308 19.23 3.37 -17.85
C MET A 308 18.27 2.21 -17.64
N VAL A 309 18.75 1.19 -16.92
CA VAL A 309 17.93 0.08 -16.47
C VAL A 309 18.23 -0.20 -15.02
N SER A 310 17.28 -0.82 -14.34
CA SER A 310 17.48 -1.25 -12.97
C SER A 310 17.30 -2.75 -12.84
N SER A 311 17.99 -3.32 -11.85
CA SER A 311 17.82 -4.72 -11.50
C SER A 311 16.47 -4.93 -10.80
N LEU A 312 15.94 -6.15 -10.96
CA LEU A 312 14.66 -6.54 -10.38
C LEU A 312 14.70 -8.08 -10.27
N ASN A 313 15.18 -8.62 -9.14
CA ASN A 313 15.75 -7.94 -7.97
C ASN A 313 17.06 -8.64 -7.63
N ALA A 314 18.14 -7.88 -7.45
CA ALA A 314 19.40 -8.46 -7.03
C ALA A 314 19.36 -8.82 -5.55
N TRP A 315 18.71 -7.99 -4.76
CA TRP A 315 18.45 -8.10 -3.32
C TRP A 315 19.70 -7.90 -2.47
N TRP A 316 20.89 -8.18 -3.00
CA TRP A 316 22.10 -8.15 -2.18
C TRP A 316 23.27 -7.70 -3.06
N PRO A 317 24.17 -6.83 -2.55
CA PRO A 317 24.02 -6.07 -1.29
C PRO A 317 22.95 -5.00 -1.43
N ASP A 318 22.61 -4.67 -2.68
CA ASP A 318 21.65 -3.63 -3.01
C ASP A 318 21.29 -3.85 -4.46
N GLU A 319 20.29 -3.12 -4.93
CA GLU A 319 20.02 -3.10 -6.37
C GLU A 319 21.08 -2.32 -7.13
N VAL A 320 21.01 -2.40 -8.46
CA VAL A 320 21.95 -1.67 -9.31
C VAL A 320 21.14 -0.92 -10.36
N ILE A 321 21.51 0.33 -10.59
CA ILE A 321 21.09 1.05 -11.79
C ILE A 321 22.29 1.07 -12.71
N PHE A 322 22.05 0.83 -13.99
CA PHE A 322 23.08 0.82 -15.03
C PHE A 322 22.75 1.93 -16.02
N ARG A 323 23.77 2.66 -16.46
CA ARG A 323 23.56 3.79 -17.38
C ARG A 323 24.44 3.61 -18.60
N SER A 324 23.87 3.83 -19.77
CA SER A 324 24.63 3.80 -21.02
C SER A 324 24.38 5.09 -21.79
N THR A 325 25.44 5.59 -22.46
CA THR A 325 25.28 6.71 -23.38
C THR A 325 25.49 6.31 -24.83
N ASN A 326 25.69 5.02 -25.10
CA ASN A 326 25.89 4.55 -26.48
C ASN A 326 24.92 3.44 -26.84
N GLY A 327 23.66 3.57 -26.40
CA GLY A 327 22.68 2.60 -26.84
C GLY A 327 22.85 1.23 -26.24
N GLY A 328 23.51 1.13 -25.10
CA GLY A 328 23.68 -0.15 -24.45
C GLY A 328 24.91 -0.92 -24.87
N ALA A 329 25.74 -0.34 -25.73
CA ALA A 329 26.98 -1.02 -26.09
C ALA A 329 27.91 -1.16 -24.89
N THR A 330 27.94 -0.14 -24.03
CA THR A 330 28.70 -0.22 -22.80
C THR A 330 27.88 0.42 -21.70
N TRP A 331 28.07 -0.08 -20.48
CA TRP A 331 27.30 0.38 -19.34
C TRP A 331 28.24 0.79 -18.22
N SER A 332 27.76 1.75 -17.43
CA SER A 332 28.36 2.15 -16.17
C SER A 332 27.41 1.74 -15.05
N ARG A 333 27.95 1.17 -13.98
CA ARG A 333 27.14 0.80 -12.83
C ARG A 333 27.09 1.95 -11.86
N ILE A 334 25.96 2.09 -11.14
CA ILE A 334 25.90 3.14 -10.13
C ILE A 334 26.71 2.82 -8.87
N TRP A 335 27.20 1.58 -8.72
CA TRP A 335 28.19 1.26 -7.71
C TRP A 335 29.01 0.07 -8.20
N ASP A 336 30.21 -0.08 -7.65
CA ASP A 336 31.10 -1.17 -8.04
C ASP A 336 31.74 -1.75 -6.80
N TRP A 337 32.21 -2.99 -6.93
CA TRP A 337 33.03 -3.54 -5.88
C TRP A 337 34.42 -2.92 -5.89
N GLY A 338 34.98 -2.72 -4.71
CA GLY A 338 36.42 -2.56 -4.52
C GLY A 338 37.07 -3.87 -4.10
N ASN A 339 37.97 -3.78 -3.11
CA ASN A 339 38.47 -4.98 -2.43
C ASN A 339 37.34 -5.48 -1.54
N TYR A 340 36.78 -6.64 -1.87
CA TYR A 340 35.62 -7.15 -1.14
C TYR A 340 35.91 -7.13 0.36
N PRO A 341 34.95 -6.70 1.20
CA PRO A 341 33.57 -6.33 0.86
C PRO A 341 33.35 -4.86 0.54
N GLU A 342 34.41 -4.10 0.27
CA GLU A 342 34.27 -2.67 0.05
C GLU A 342 33.57 -2.40 -1.29
N ARG A 343 32.81 -1.30 -1.33
CA ARG A 343 32.16 -0.85 -2.57
C ARG A 343 32.51 0.61 -2.82
N THR A 344 32.51 1.00 -4.09
CA THR A 344 32.54 2.40 -4.49
C THR A 344 31.18 2.78 -5.05
N TYR A 345 30.83 4.05 -4.91
CA TYR A 345 29.47 4.49 -5.19
C TYR A 345 29.49 5.72 -6.09
N LYS A 346 28.58 5.72 -7.06
CA LYS A 346 28.31 6.92 -7.84
C LYS A 346 27.03 7.61 -7.40
N PHE A 347 26.54 7.30 -6.20
CA PHE A 347 25.32 7.92 -5.68
C PHE A 347 25.48 8.08 -4.18
N SER A 348 24.67 9.00 -3.66
CA SER A 348 24.51 9.22 -2.22
C SER A 348 23.03 9.29 -1.92
N MET A 349 22.58 8.56 -0.89
CA MET A 349 21.19 8.61 -0.49
C MET A 349 20.96 9.72 0.55
N ASP A 350 19.86 10.44 0.37
CA ASP A 350 19.44 11.48 1.30
C ASP A 350 18.02 11.13 1.72
N ILE A 351 17.85 10.69 2.97
CA ILE A 351 16.53 10.39 3.47
C ILE A 351 16.15 11.35 4.60
N THR A 352 16.63 12.60 4.52
CA THR A 352 16.28 13.54 5.58
C THR A 352 14.79 13.83 5.60
N ALA A 353 14.09 13.68 4.48
CA ALA A 353 12.64 13.83 4.45
C ALA A 353 11.92 12.68 5.12
N ALA A 354 12.59 11.54 5.37
CA ALA A 354 11.93 10.40 6.02
C ALA A 354 13.02 9.58 6.71
N PRO A 355 13.57 10.08 7.81
CA PRO A 355 14.82 9.49 8.35
C PRO A 355 14.65 8.06 8.81
N TRP A 356 13.42 7.64 9.07
CA TRP A 356 13.11 6.29 9.47
C TRP A 356 13.40 5.27 8.37
N LEU A 357 13.67 5.70 7.13
CA LEU A 357 14.01 4.77 6.05
C LEU A 357 15.33 4.03 6.30
N ASP A 358 16.08 4.39 7.34
CA ASP A 358 17.25 3.59 7.68
C ASP A 358 16.88 2.35 8.51
N HIS A 359 15.60 2.17 8.83
CA HIS A 359 15.09 1.01 9.59
C HIS A 359 15.82 0.84 10.94
N GLY A 360 16.45 1.91 11.43
CA GLY A 360 17.19 1.86 12.68
C GLY A 360 18.45 1.03 12.65
N THR A 361 18.93 0.62 11.48
CA THR A 361 20.13 -0.19 11.41
C THR A 361 21.33 0.66 10.99
N THR A 362 22.51 0.16 11.37
CA THR A 362 23.75 0.80 10.97
C THR A 362 24.15 0.34 9.57
N SER A 363 24.43 1.30 8.70
CA SER A 363 24.78 0.99 7.31
C SER A 363 26.18 0.37 7.21
N THR A 364 26.31 -0.67 6.37
CA THR A 364 27.59 -1.26 6.01
C THR A 364 27.56 -1.55 4.51
N SER A 365 28.72 -1.87 3.94
CA SER A 365 28.77 -2.06 2.50
C SER A 365 27.93 -3.25 2.08
N LEU A 366 27.84 -4.29 2.93
CA LEU A 366 27.05 -5.47 2.61
C LEU A 366 25.60 -5.36 3.06
N ASP A 367 25.32 -4.47 4.01
CA ASP A 367 23.98 -4.26 4.56
CA ASP A 367 23.97 -4.25 4.54
C ASP A 367 23.71 -2.76 4.54
N PRO A 368 23.62 -2.16 3.35
CA PRO A 368 23.46 -0.71 3.25
C PRO A 368 22.13 -0.27 3.82
N SER A 369 22.16 0.89 4.47
CA SER A 369 20.94 1.43 5.05
C SER A 369 21.03 2.96 5.05
N PRO A 370 20.15 3.66 4.32
CA PRO A 370 19.09 3.15 3.43
C PRO A 370 19.67 2.54 2.15
N LYS A 371 18.97 1.55 1.61
CA LYS A 371 19.31 1.00 0.31
C LYS A 371 18.94 1.96 -0.80
N LEU A 372 19.66 1.86 -1.90
CA LEU A 372 19.22 2.43 -3.15
C LEU A 372 17.77 2.07 -3.45
N GLY A 373 17.41 0.81 -3.24
CA GLY A 373 16.01 0.45 -3.39
C GLY A 373 15.86 -1.06 -3.43
N TRP A 374 14.65 -1.44 -3.82
CA TRP A 374 14.24 -2.81 -4.11
C TRP A 374 12.90 -2.65 -4.80
N MET A 375 12.47 -3.70 -5.48
CA MET A 375 11.25 -3.65 -6.30
C MET A 375 11.27 -2.47 -7.26
N MET A 376 12.43 -2.23 -7.86
CA MET A 376 12.61 -1.10 -8.77
C MET A 376 12.12 -1.48 -10.16
N GLY A 377 10.80 -1.64 -10.25
CA GLY A 377 10.19 -2.03 -11.51
C GLY A 377 10.01 -0.89 -12.47
N ASP A 378 9.95 0.34 -11.97
CA ASP A 378 9.77 1.50 -12.85
C ASP A 378 10.80 2.55 -12.53
N LEU A 379 11.52 2.97 -13.57
CA LEU A 379 12.59 3.93 -13.52
C LEU A 379 12.36 4.89 -14.66
N GLU A 380 12.42 6.20 -14.37
CA GLU A 380 12.04 7.20 -15.37
C GLU A 380 13.05 8.33 -15.39
N ILE A 381 13.32 8.85 -16.60
CA ILE A 381 14.07 10.09 -16.79
C ILE A 381 13.08 11.13 -17.29
N ASP A 382 13.04 12.28 -16.64
CA ASP A 382 12.17 13.37 -17.08
C ASP A 382 12.42 13.71 -18.56
N PRO A 383 11.41 13.62 -19.42
CA PRO A 383 11.64 13.91 -20.86
C PRO A 383 12.00 15.36 -21.14
N PHE A 384 11.88 16.24 -20.16
CA PHE A 384 12.22 17.64 -20.33
C PHE A 384 13.42 18.04 -19.49
N ASN A 385 14.06 17.08 -18.82
CA ASN A 385 15.21 17.43 -17.99
C ASN A 385 15.99 16.15 -17.73
N SER A 386 17.06 15.95 -18.51
CA SER A 386 17.88 14.76 -18.39
C SER A 386 18.56 14.64 -17.03
N ASN A 387 18.57 15.73 -16.25
CA ASN A 387 19.12 15.68 -14.90
C ASN A 387 18.15 15.13 -13.88
N ARG A 388 16.87 14.90 -14.23
CA ARG A 388 15.92 14.43 -13.25
C ARG A 388 15.52 12.99 -13.54
N MET A 389 15.68 12.12 -12.55
CA MET A 389 15.07 10.81 -12.61
C MET A 389 14.19 10.61 -11.39
N MET A 390 13.25 9.67 -11.52
CA MET A 390 12.44 9.18 -10.42
C MET A 390 12.32 7.68 -10.56
N TYR A 391 12.29 6.96 -9.44
CA TYR A 391 11.96 5.55 -9.48
C TYR A 391 11.16 5.15 -8.25
N GLY A 392 10.33 4.12 -8.42
CA GLY A 392 9.62 3.56 -7.28
C GLY A 392 10.36 2.39 -6.65
N THR A 393 10.26 2.33 -5.33
CA THR A 393 10.69 1.15 -4.58
C THR A 393 9.49 0.58 -3.83
N GLY A 394 9.74 -0.50 -3.09
CA GLY A 394 8.69 -1.04 -2.23
C GLY A 394 8.29 -0.13 -1.08
N ALA A 395 9.01 0.98 -0.87
CA ALA A 395 8.69 1.87 0.25
C ALA A 395 8.49 3.33 -0.12
N THR A 396 9.00 3.81 -1.25
CA THR A 396 8.93 5.24 -1.51
C THR A 396 9.15 5.52 -2.99
N ILE A 397 9.20 6.81 -3.31
CA ILE A 397 9.67 7.33 -4.60
C ILE A 397 10.97 8.04 -4.33
N TYR A 398 12.04 7.63 -5.00
CA TYR A 398 13.32 8.31 -4.93
C TYR A 398 13.54 9.07 -6.23
N GLY A 399 14.37 10.08 -6.17
CA GLY A 399 14.68 10.76 -7.40
C GLY A 399 15.96 11.55 -7.25
N SER A 400 16.39 12.13 -8.36
CA SER A 400 17.56 13.01 -8.35
C SER A 400 17.29 14.17 -9.28
N ASN A 401 17.95 15.29 -8.99
CA ASN A 401 17.99 16.41 -9.93
C ASN A 401 19.39 16.70 -10.47
N ASN A 402 20.36 15.81 -10.26
CA ASN A 402 21.68 16.00 -10.85
C ASN A 402 22.15 14.70 -11.51
N LEU A 403 21.24 14.02 -12.19
CA LEU A 403 21.55 12.71 -12.76
C LEU A 403 22.78 12.73 -13.68
N THR A 404 22.91 13.76 -14.52
CA THR A 404 24.02 13.73 -15.47
C THR A 404 25.39 13.94 -14.81
N SER A 405 25.44 14.22 -13.51
CA SER A 405 26.72 14.17 -12.79
C SER A 405 27.39 12.80 -12.93
N TRP A 406 26.58 11.76 -13.11
CA TRP A 406 27.12 10.43 -13.38
C TRP A 406 28.11 10.45 -14.54
N ASP A 407 27.79 11.21 -15.57
CA ASP A 407 28.55 11.20 -16.81
C ASP A 407 29.83 12.01 -16.73
N THR A 408 30.00 12.83 -15.68
CA THR A 408 31.17 13.69 -15.54
C THR A 408 32.00 13.31 -14.31
N GLY A 409 31.86 12.08 -13.83
CA GLY A 409 32.65 11.59 -12.73
C GLY A 409 32.15 11.97 -11.36
N GLY A 410 30.97 12.58 -11.25
CA GLY A 410 30.43 12.99 -9.97
C GLY A 410 29.52 11.93 -9.38
N LYS A 411 28.89 12.30 -8.27
CA LYS A 411 27.94 11.45 -7.58
C LYS A 411 26.53 11.97 -7.77
N VAL A 412 25.62 11.05 -8.04
CA VAL A 412 24.20 11.37 -8.18
C VAL A 412 23.60 11.46 -6.79
N ASN A 413 23.01 12.59 -6.47
CA ASN A 413 22.35 12.77 -5.18
C ASN A 413 20.91 12.29 -5.31
N ILE A 414 20.59 11.22 -4.60
CA ILE A 414 19.26 10.61 -4.65
C ILE A 414 18.58 10.97 -3.33
N SER A 415 17.35 11.48 -3.42
CA SER A 415 16.60 11.90 -2.24
C SER A 415 15.16 11.39 -2.33
N VAL A 416 14.48 11.38 -1.18
CA VAL A 416 13.06 11.03 -1.14
C VAL A 416 12.26 12.07 -1.90
N MET A 417 11.47 11.61 -2.88
CA MET A 417 10.70 12.52 -3.71
C MET A 417 9.25 12.12 -3.66
N ALA A 418 8.79 11.81 -2.45
CA ALA A 418 7.45 11.29 -2.19
C ALA A 418 6.64 12.19 -1.27
N LYS A 419 6.99 13.47 -1.21
CA LYS A 419 6.22 14.39 -0.36
C LYS A 419 4.77 14.35 -0.81
N GLY A 420 3.85 14.21 0.15
CA GLY A 420 2.44 14.14 -0.17
C GLY A 420 1.91 12.74 -0.35
N VAL A 421 2.77 11.74 -0.46
CA VAL A 421 2.33 10.37 -0.74
C VAL A 421 2.14 9.67 0.60
N GLU A 422 0.99 9.02 0.78
CA GLU A 422 0.78 8.15 1.94
C GLU A 422 0.10 6.88 1.47
N GLU A 423 0.78 5.76 1.66
CA GLU A 423 0.36 4.46 1.14
C GLU A 423 0.15 3.41 2.20
N THR A 424 0.37 3.71 3.46
CA THR A 424 0.41 2.62 4.42
C THR A 424 -0.99 2.07 4.70
N ALA A 425 -0.97 0.81 5.11
CA ALA A 425 -2.15 0.12 5.60
C ALA A 425 -2.12 0.20 7.13
N VAL A 426 -3.16 0.74 7.71
CA VAL A 426 -3.17 1.10 9.13
C VAL A 426 -3.90 0.02 9.92
N LEU A 427 -3.14 -0.78 10.68
CA LEU A 427 -3.70 -1.88 11.43
C LEU A 427 -4.22 -1.44 12.80
N GLY A 428 -3.75 -0.29 13.31
CA GLY A 428 -4.24 0.19 14.58
C GLY A 428 -3.78 1.61 14.82
N LEU A 429 -4.50 2.29 15.71
CA LEU A 429 -4.22 3.67 16.05
C LEU A 429 -4.53 3.90 17.52
N ILE A 430 -3.63 4.61 18.21
CA ILE A 430 -3.95 5.11 19.55
C ILE A 430 -3.60 6.58 19.60
N SER A 431 -4.40 7.34 20.36
CA SER A 431 -4.16 8.74 20.63
C SER A 431 -3.98 8.89 22.13
N PRO A 432 -2.75 8.89 22.63
CA PRO A 432 -2.54 8.87 24.09
C PRO A 432 -3.07 10.15 24.72
N PRO A 433 -3.62 10.08 25.93
CA PRO A 433 -4.21 11.27 26.57
C PRO A 433 -3.18 12.15 27.24
N THR A 434 -1.92 11.71 27.38
CA THR A 434 -0.85 12.57 27.89
C THR A 434 0.41 12.31 27.09
N GLY A 435 1.37 13.24 27.18
CA GLY A 435 2.63 13.11 26.48
C GLY A 435 2.69 13.97 25.23
N THR A 436 3.87 13.97 24.60
CA THR A 436 4.06 14.86 23.45
C THR A 436 3.48 14.32 22.15
N SER A 437 3.06 13.05 22.11
CA SER A 437 2.46 12.49 20.91
C SER A 437 0.95 12.35 21.07
N HIS A 438 0.20 12.82 20.08
CA HIS A 438 -1.24 12.57 20.01
C HIS A 438 -1.59 11.38 19.13
N LEU A 439 -0.59 10.67 18.59
CA LEU A 439 -0.91 9.62 17.61
C LEU A 439 0.27 8.67 17.49
N ILE A 440 0.03 7.40 17.80
CA ILE A 440 0.98 6.34 17.52
C ILE A 440 0.26 5.33 16.66
N THR A 441 0.90 4.90 15.58
CA THR A 441 0.25 4.02 14.62
C THR A 441 0.90 2.65 14.64
N ALA A 442 0.09 1.68 14.21
CA ALA A 442 0.50 0.31 13.94
C ALA A 442 0.25 0.10 12.45
N LEU A 443 1.32 -0.15 11.69
CA LEU A 443 1.27 -0.18 10.23
C LEU A 443 1.82 -1.47 9.66
N GLY A 444 1.32 -1.83 8.48
CA GLY A 444 1.97 -2.88 7.72
C GLY A 444 3.28 -2.39 7.14
N ASP A 445 4.22 -3.33 7.01
CA ASP A 445 5.48 -3.15 6.27
C ASP A 445 6.50 -2.22 6.90
N VAL A 446 6.08 -1.08 7.46
CA VAL A 446 7.01 -0.14 8.04
C VAL A 446 6.72 0.07 9.53
N SER A 447 6.04 -0.90 10.14
CA SER A 447 5.85 -1.08 11.58
C SER A 447 4.92 -0.07 12.23
N GLY A 448 5.14 1.23 12.04
CA GLY A 448 4.33 2.23 12.73
C GLY A 448 5.24 3.30 13.30
N PHE A 449 4.64 4.44 13.66
CA PHE A 449 5.40 5.61 14.06
C PHE A 449 4.73 6.30 15.22
N ARG A 450 5.56 6.94 16.04
CA ARG A 450 5.14 7.88 17.06
C ARG A 450 5.21 9.29 16.48
N HIS A 451 4.05 9.92 16.30
CA HIS A 451 3.96 11.23 15.69
C HIS A 451 3.91 12.33 16.73
N GLU A 452 4.62 13.42 16.47
CA GLU A 452 4.47 14.61 17.27
C GLU A 452 3.79 15.63 16.38
N ASP A 453 4.52 16.45 15.64
CA ASP A 453 3.90 17.35 14.67
C ASP A 453 3.45 16.53 13.46
N LEU A 454 2.14 16.56 13.18
CA LEU A 454 1.59 15.71 12.12
C LEU A 454 1.98 16.16 10.73
N SER A 455 2.71 17.26 10.61
CA SER A 455 3.26 17.70 9.34
CA SER A 455 3.25 17.70 9.34
C SER A 455 4.73 17.37 9.18
N VAL A 456 5.34 16.75 10.19
CA VAL A 456 6.77 16.45 10.18
C VAL A 456 6.94 14.94 10.17
N ALA A 457 7.81 14.45 9.29
CA ALA A 457 8.02 13.01 9.20
C ALA A 457 8.58 12.47 10.51
N PRO A 458 8.19 11.27 10.90
CA PRO A 458 8.83 10.63 12.06
C PRO A 458 10.34 10.48 11.86
N THR A 459 11.09 10.61 12.96
CA THR A 459 12.55 10.58 12.88
C THR A 459 13.14 9.20 13.04
N LYS A 460 12.37 8.24 13.56
CA LYS A 460 12.85 6.95 14.07
C LYS A 460 12.01 5.82 13.54
N PHE A 461 12.66 4.75 13.10
CA PHE A 461 11.98 3.48 12.90
C PHE A 461 11.84 2.78 14.26
N GLN A 462 10.75 2.03 14.42
CA GLN A 462 10.52 1.30 15.68
C GLN A 462 11.47 0.09 15.77
N THR A 463 12.33 0.08 16.78
CA THR A 463 13.27 -1.02 16.94
C THR A 463 13.19 -1.60 18.35
N SER A 464 13.92 -2.69 18.53
CA SER A 464 14.02 -3.45 19.78
C SER A 464 12.66 -3.60 20.47
N PRO A 465 11.68 -4.24 19.82
CA PRO A 465 11.82 -5.06 18.61
C PRO A 465 11.68 -4.30 17.31
N SER A 466 12.28 -4.84 16.27
CA SER A 466 12.12 -4.37 14.91
CA SER A 466 12.14 -4.37 14.90
C SER A 466 11.43 -5.45 14.09
N TRP A 467 10.34 -5.06 13.41
CA TRP A 467 9.66 -6.00 12.54
C TRP A 467 9.00 -5.21 11.41
N ALA A 468 8.41 -5.97 10.46
CA ALA A 468 7.75 -5.33 9.33
C ALA A 468 6.39 -4.74 9.70
N THR A 469 5.59 -5.48 10.46
CA THR A 469 4.19 -5.10 10.63
C THR A 469 3.79 -5.18 12.10
N THR A 470 3.30 -4.07 12.63
CA THR A 470 2.64 -4.08 13.94
C THR A 470 1.17 -4.33 13.74
N MET A 471 0.65 -5.41 14.32
CA MET A 471 -0.77 -5.72 14.16
C MET A 471 -1.62 -4.97 15.18
N SER A 472 -1.05 -4.60 16.32
CA SER A 472 -1.88 -4.09 17.40
C SER A 472 -1.01 -3.35 18.43
N ILE A 473 -1.53 -2.24 18.96
CA ILE A 473 -0.85 -1.47 19.99
C ILE A 473 -1.89 -0.98 20.99
N ASP A 474 -1.53 -0.97 22.27
CA ASP A 474 -2.40 -0.40 23.30
C ASP A 474 -1.53 0.26 24.37
N TYR A 475 -2.18 1.08 25.19
CA TYR A 475 -1.48 1.82 26.23
C TYR A 475 -2.30 1.64 27.50
N ALA A 476 -1.63 1.81 28.63
CA ALA A 476 -2.30 1.78 29.94
C ALA A 476 -3.03 3.11 30.17
N GLU A 477 -4.37 3.06 30.25
CA GLU A 477 -5.11 4.32 30.29
C GLU A 477 -4.68 5.20 31.45
N LEU A 478 -4.40 4.59 32.61
CA LEU A 478 -4.07 5.35 33.81
C LEU A 478 -2.59 5.69 33.89
N SER A 479 -1.76 5.10 33.02
CA SER A 479 -0.32 5.38 32.98
C SER A 479 0.11 5.30 31.53
N PRO A 480 -0.26 6.30 30.72
CA PRO A 480 -0.10 6.18 29.26
C PRO A 480 1.34 6.15 28.79
N SER A 481 2.31 6.37 29.67
CA SER A 481 3.71 6.14 29.32
CA SER A 481 3.70 6.14 29.28
C SER A 481 3.97 4.67 29.04
N TYR A 482 3.12 3.78 29.56
CA TYR A 482 3.28 2.35 29.39
C TYR A 482 2.46 1.90 28.20
N MET A 483 3.12 1.31 27.20
CA MET A 483 2.49 0.90 25.96
CA MET A 483 2.38 0.81 26.07
C MET A 483 3.07 -0.42 25.50
N VAL A 484 2.30 -1.17 24.73
CA VAL A 484 2.70 -2.48 24.25
C VAL A 484 2.25 -2.62 22.80
N ARG A 485 3.15 -3.13 21.95
CA ARG A 485 2.77 -3.46 20.59
C ARG A 485 3.17 -4.89 20.27
N VAL A 486 2.41 -5.51 19.35
CA VAL A 486 2.69 -6.87 18.93
C VAL A 486 2.74 -6.92 17.41
N GLY A 487 3.64 -7.74 16.89
CA GLY A 487 3.84 -7.90 15.46
C GLY A 487 4.34 -9.29 15.23
N SER A 488 5.18 -9.47 14.21
CA SER A 488 5.69 -10.80 13.90
C SER A 488 7.17 -10.66 13.57
N ALA A 489 8.01 -11.07 14.53
CA ALA A 489 9.46 -11.02 14.34
C ALA A 489 9.91 -11.98 13.26
N ASP A 490 10.89 -11.56 12.48
CA ASP A 490 11.57 -12.41 11.51
C ASP A 490 12.71 -13.12 12.25
N LYS A 491 12.41 -14.31 12.77
CA LYS A 491 13.39 -15.03 13.56
C LYS A 491 14.40 -15.80 12.72
N GLU A 492 14.18 -15.89 11.41
CA GLU A 492 15.23 -16.41 10.53
C GLU A 492 16.39 -15.43 10.48
N LYS A 493 16.07 -14.14 10.33
CA LYS A 493 17.09 -13.10 10.28
C LYS A 493 17.68 -12.83 11.66
N THR A 494 16.83 -12.73 12.69
CA THR A 494 17.28 -12.42 14.04
C THR A 494 16.60 -13.36 15.03
N PRO A 495 17.21 -14.52 15.31
CA PRO A 495 16.51 -15.52 16.15
C PRO A 495 16.17 -15.05 17.55
N SER A 496 16.84 -14.03 18.09
CA SER A 496 16.51 -13.49 19.41
C SER A 496 15.41 -12.42 19.39
N MET A 497 14.95 -12.00 18.22
CA MET A 497 13.88 -10.99 18.18
C MET A 497 12.57 -11.56 18.68
N LYS A 498 11.85 -10.78 19.50
CA LYS A 498 10.52 -11.11 19.97
CA LYS A 498 10.52 -11.16 19.94
C LYS A 498 9.46 -10.39 19.15
N SER A 499 8.24 -10.93 19.21
CA SER A 499 7.08 -10.38 18.50
C SER A 499 6.24 -9.47 19.37
N ILE A 500 6.79 -9.02 20.50
CA ILE A 500 6.12 -8.06 21.36
CA ILE A 500 6.12 -8.08 21.39
C ILE A 500 7.14 -7.06 21.86
N GLY A 501 6.75 -5.80 21.89
CA GLY A 501 7.61 -4.74 22.39
C GLY A 501 6.87 -3.94 23.43
N ILE A 502 7.61 -3.47 24.42
CA ILE A 502 7.08 -2.74 25.56
C ILE A 502 7.81 -1.41 25.68
N SER A 503 7.07 -0.36 26.00
CA SER A 503 7.67 0.94 26.25
C SER A 503 7.22 1.49 27.59
N ASN A 504 8.15 2.11 28.32
CA ASN A 504 7.84 2.83 29.54
C ASN A 504 7.96 4.33 29.38
N ASP A 505 8.24 4.82 28.17
CA ASP A 505 8.36 6.26 27.95
C ASP A 505 7.45 6.74 26.83
N GLY A 506 6.24 6.21 26.76
CA GLY A 506 5.26 6.70 25.81
C GLY A 506 5.53 6.32 24.37
N GLY A 507 6.27 5.23 24.16
CA GLY A 507 6.53 4.79 22.79
C GLY A 507 7.78 5.36 22.13
N VAL A 508 8.60 6.12 22.85
CA VAL A 508 9.85 6.59 22.24
C VAL A 508 10.85 5.46 22.14
N ASN A 509 11.02 4.70 23.21
CA ASN A 509 11.92 3.56 23.22
C ASN A 509 11.18 2.33 23.64
N TRP A 510 11.57 1.19 23.04
CA TRP A 510 10.94 -0.09 23.28
C TRP A 510 11.97 -1.07 23.81
N TYR A 511 11.49 -2.10 24.49
CA TYR A 511 12.33 -3.24 24.82
C TYR A 511 11.54 -4.53 24.61
N MET A 512 12.27 -5.63 24.54
CA MET A 512 11.61 -6.91 24.36
C MET A 512 11.61 -7.66 25.67
N PRO A 513 10.49 -8.24 26.07
CA PRO A 513 10.48 -9.02 27.32
C PRO A 513 11.23 -10.33 27.15
N ASN A 514 11.37 -11.02 28.28
CA ASN A 514 12.21 -12.22 28.33
C ASN A 514 11.51 -13.46 27.80
N SER A 515 10.19 -13.43 27.62
CA SER A 515 9.54 -14.60 27.06
C SER A 515 8.34 -14.17 26.24
N GLU A 516 7.80 -15.15 25.52
CA GLU A 516 6.63 -15.02 24.68
C GLU A 516 5.72 -16.20 24.93
N PRO A 517 4.44 -16.08 24.59
CA PRO A 517 3.54 -17.24 24.65
C PRO A 517 4.11 -18.44 23.90
N SER A 518 3.93 -19.61 24.49
CA SER A 518 4.37 -20.85 23.87
C SER A 518 3.54 -21.98 24.46
N ASN A 519 3.49 -23.08 23.72
CA ASN A 519 2.89 -24.28 24.27
C ASN A 519 3.99 -25.33 24.39
N GLY A 520 3.60 -26.60 24.48
CA GLY A 520 4.60 -27.63 24.55
C GLY A 520 5.45 -27.73 23.30
N THR A 521 4.92 -27.28 22.16
CA THR A 521 5.50 -27.56 20.86
C THR A 521 6.11 -26.33 20.19
N LYS A 522 5.65 -25.12 20.49
CA LYS A 522 6.11 -24.00 19.68
C LYS A 522 5.86 -22.69 20.42
N THR A 523 6.63 -21.68 20.03
CA THR A 523 6.41 -20.31 20.46
C THR A 523 5.56 -19.60 19.41
N THR A 524 4.69 -18.68 19.85
CA THR A 524 3.83 -17.96 18.91
C THR A 524 4.65 -17.25 17.84
N VAL A 525 4.10 -17.21 16.62
CA VAL A 525 4.66 -16.36 15.57
C VAL A 525 4.26 -14.90 15.74
N GLY A 526 3.33 -14.64 16.64
CA GLY A 526 2.97 -13.27 16.98
C GLY A 526 1.66 -12.81 16.37
N HIS A 527 1.61 -11.55 15.96
CA HIS A 527 0.42 -10.88 15.43
C HIS A 527 -0.74 -11.05 16.41
N GLY A 528 -1.98 -11.07 15.91
CA GLY A 528 -3.11 -11.04 16.82
C GLY A 528 -3.39 -9.64 17.34
N GLN A 529 -3.86 -9.58 18.57
CA GLN A 529 -4.27 -8.31 19.18
C GLN A 529 -3.73 -8.27 20.60
N VAL A 530 -3.42 -7.07 21.07
CA VAL A 530 -2.91 -6.89 22.43
C VAL A 530 -3.77 -5.86 23.16
N ALA A 531 -3.94 -6.08 24.45
CA ALA A 531 -4.65 -5.14 25.30
C ALA A 531 -3.83 -4.98 26.58
N VAL A 532 -3.81 -3.75 27.10
CA VAL A 532 -3.02 -3.42 28.27
C VAL A 532 -3.98 -3.01 29.38
N SER A 533 -3.76 -3.55 30.58
CA SER A 533 -4.69 -3.25 31.66
C SER A 533 -4.65 -1.75 31.96
N ALA A 534 -5.71 -1.29 32.62
CA ALA A 534 -5.85 0.15 32.90
C ALA A 534 -4.60 0.72 33.56
N SER A 535 -3.99 -0.02 34.49
CA SER A 535 -2.85 0.44 35.26
C SER A 535 -1.52 0.01 34.66
N GLY A 536 -1.55 -0.84 33.64
CA GLY A 536 -0.33 -1.40 33.10
C GLY A 536 0.20 -2.59 33.86
N ASN A 537 -0.52 -3.08 34.88
CA ASN A 537 0.01 -4.21 35.64
C ASN A 537 -0.22 -5.55 34.96
N SER A 538 -0.81 -5.59 33.76
CA SER A 538 -0.87 -6.84 33.03
C SER A 538 -1.06 -6.55 31.55
N ILE A 539 -0.79 -7.58 30.75
CA ILE A 539 -0.91 -7.56 29.31
C ILE A 539 -1.70 -8.78 28.89
N LEU A 540 -2.62 -8.60 27.96
CA LEU A 540 -3.38 -9.70 27.37
C LEU A 540 -3.05 -9.75 25.89
N TRP A 541 -2.68 -10.93 25.40
CA TRP A 541 -2.21 -11.08 24.03
C TRP A 541 -3.01 -12.20 23.39
N SER A 542 -3.89 -11.84 22.48
CA SER A 542 -4.63 -12.84 21.72
C SER A 542 -3.80 -13.12 20.47
N THR A 543 -2.98 -14.18 20.54
CA THR A 543 -2.02 -14.39 19.47
C THR A 543 -2.74 -14.86 18.22
N SER A 544 -2.04 -14.76 17.09
CA SER A 544 -2.63 -15.19 15.83
C SER A 544 -2.75 -16.71 15.68
N ASP A 545 -2.00 -17.50 16.48
CA ASP A 545 -1.84 -18.91 16.22
C ASP A 545 -2.11 -19.84 17.40
N ILE A 546 -1.74 -19.46 18.62
CA ILE A 546 -1.82 -20.42 19.70
C ILE A 546 -2.71 -19.94 20.86
N GLY A 547 -3.62 -19.01 20.59
CA GLY A 547 -4.61 -18.63 21.57
C GLY A 547 -4.22 -17.41 22.37
N VAL A 548 -5.00 -17.21 23.43
CA VAL A 548 -4.96 -16.02 24.26
C VAL A 548 -4.11 -16.27 25.49
N TYR A 549 -3.20 -15.34 25.78
CA TYR A 549 -2.28 -15.44 26.91
C TYR A 549 -2.28 -14.15 27.68
N TYR A 550 -2.06 -14.25 29.00
CA TYR A 550 -1.85 -13.05 29.80
C TYR A 550 -0.49 -13.10 30.48
N SER A 551 0.02 -11.92 30.83
CA SER A 551 1.20 -11.81 31.67
C SER A 551 1.00 -10.74 32.72
N LYS A 552 1.28 -11.11 33.96
CA LYS A 552 1.34 -10.18 35.08
CA LYS A 552 1.34 -10.18 35.08
C LYS A 552 2.77 -9.98 35.54
N THR A 553 3.75 -10.41 34.74
CA THR A 553 5.17 -10.40 35.07
C THR A 553 5.96 -9.63 34.01
N SER A 554 5.33 -8.64 33.37
CA SER A 554 5.97 -7.84 32.34
C SER A 554 6.55 -8.70 31.22
N GLY A 555 5.86 -9.79 30.89
CA GLY A 555 6.34 -10.66 29.84
C GLY A 555 7.45 -11.62 30.24
N ASN A 556 7.83 -11.67 31.52
CA ASN A 556 8.77 -12.69 31.97
C ASN A 556 8.17 -14.09 31.89
N SER A 557 6.85 -14.18 31.92
CA SER A 557 6.12 -15.42 31.71
C SER A 557 4.77 -15.07 31.11
N TRP A 558 4.19 -16.05 30.42
CA TRP A 558 2.87 -15.94 29.82
C TRP A 558 2.09 -17.18 30.19
N THR A 559 0.80 -17.00 30.49
CA THR A 559 -0.08 -18.11 30.85
C THR A 559 -1.32 -18.08 29.96
N ALA A 560 -1.73 -19.25 29.48
CA ALA A 560 -2.92 -19.31 28.63
C ALA A 560 -4.16 -18.92 29.43
N SER A 561 -4.96 -18.01 28.85
CA SER A 561 -6.19 -17.56 29.49
C SER A 561 -7.27 -18.63 29.38
N ALA A 562 -7.95 -18.92 30.48
CA ALA A 562 -9.03 -19.90 30.44
C ALA A 562 -10.27 -19.29 29.81
N GLY A 563 -11.01 -20.11 29.04
CA GLY A 563 -12.37 -19.81 28.60
C GLY A 563 -12.52 -18.95 27.35
N LEU A 564 -11.44 -18.34 26.85
CA LEU A 564 -11.57 -17.44 25.71
C LEU A 564 -11.03 -18.12 24.45
N PRO A 565 -11.82 -18.19 23.37
CA PRO A 565 -11.35 -18.91 22.19
C PRO A 565 -10.11 -18.31 21.54
N ALA A 566 -9.32 -19.18 20.91
CA ALA A 566 -8.22 -18.71 20.08
C ALA A 566 -8.77 -17.90 18.91
N GLY A 567 -8.12 -16.76 18.66
CA GLY A 567 -8.61 -15.84 17.66
C GLY A 567 -9.53 -14.77 18.21
N ALA A 568 -9.81 -14.76 19.50
CA ALA A 568 -10.76 -13.79 20.05
C ALA A 568 -10.25 -12.35 19.89
N LYS A 569 -11.18 -11.44 19.66
CA LYS A 569 -10.95 -10.02 19.85
C LYS A 569 -10.93 -9.72 21.36
N ILE A 570 -10.10 -8.76 21.75
CA ILE A 570 -9.91 -8.45 23.17
C ILE A 570 -9.83 -6.94 23.38
N ALA A 571 -10.14 -6.52 24.62
CA ALA A 571 -10.13 -5.12 24.98
C ALA A 571 -10.00 -5.05 26.49
N SER A 572 -9.22 -4.09 26.98
CA SER A 572 -9.11 -3.89 28.41
C SER A 572 -10.11 -2.84 28.88
N ASP A 573 -10.64 -3.04 30.09
CA ASP A 573 -11.35 -1.93 30.72
C ASP A 573 -10.38 -0.78 30.97
N ARG A 574 -10.86 0.45 30.81
CA ARG A 574 -9.94 1.59 30.90
C ARG A 574 -9.83 2.14 32.32
N VAL A 575 -10.61 1.61 33.25
CA VAL A 575 -10.62 2.07 34.64
C VAL A 575 -10.16 0.96 35.57
N ASN A 576 -10.72 -0.24 35.41
CA ASN A 576 -10.52 -1.34 36.35
C ASN A 576 -9.45 -2.29 35.82
N PRO A 577 -8.24 -2.29 36.38
CA PRO A 577 -7.16 -3.10 35.81
C PRO A 577 -7.41 -4.60 35.87
N ASN A 578 -8.38 -5.05 36.67
CA ASN A 578 -8.74 -6.47 36.73
C ASN A 578 -9.64 -6.90 35.60
N LYS A 579 -10.16 -5.97 34.80
CA LYS A 579 -11.25 -6.26 33.88
C LYS A 579 -10.77 -6.21 32.44
N TYR A 580 -10.99 -7.31 31.71
CA TYR A 580 -10.83 -7.37 30.27
C TYR A 580 -12.10 -7.95 29.64
N TYR A 581 -12.23 -7.71 28.33
CA TYR A 581 -13.37 -8.14 27.53
C TYR A 581 -12.87 -8.92 26.33
N GLY A 582 -13.67 -9.90 25.91
CA GLY A 582 -13.34 -10.69 24.73
C GLY A 582 -14.57 -10.93 23.87
N PHE A 583 -14.31 -11.29 22.61
CA PHE A 583 -15.42 -11.57 21.69
C PHE A 583 -14.94 -12.55 20.63
N TYR A 584 -15.79 -13.53 20.32
CA TYR A 584 -15.47 -14.48 19.28
C TYR A 584 -16.74 -15.16 18.81
N ALA A 585 -16.95 -15.17 17.50
CA ALA A 585 -17.98 -16.02 16.89
C ALA A 585 -19.36 -15.75 17.47
N GLY A 586 -19.63 -14.48 17.80
CA GLY A 586 -20.92 -14.05 18.27
C GLY A 586 -21.08 -14.00 19.77
N THR A 587 -20.15 -14.55 20.54
CA THR A 587 -20.21 -14.60 21.99
C THR A 587 -19.28 -13.58 22.63
N PHE A 588 -19.81 -12.86 23.62
CA PHE A 588 -19.06 -11.87 24.40
C PHE A 588 -18.60 -12.47 25.72
N TYR A 589 -17.41 -12.08 26.14
CA TYR A 589 -16.75 -12.65 27.31
C TYR A 589 -16.23 -11.56 28.23
N VAL A 590 -16.18 -11.84 29.53
CA VAL A 590 -15.57 -10.93 30.50
C VAL A 590 -14.61 -11.68 31.41
N SER A 591 -13.52 -11.01 31.78
CA SER A 591 -12.61 -11.46 32.81
C SER A 591 -12.57 -10.41 33.90
N VAL A 592 -12.68 -10.86 35.15
CA VAL A 592 -12.48 -9.97 36.29
C VAL A 592 -11.26 -10.35 37.10
N ASP A 593 -10.41 -11.23 36.58
CA ASP A 593 -9.19 -11.59 37.27
C ASP A 593 -7.96 -11.27 36.42
N GLY A 594 -8.01 -10.13 35.73
CA GLY A 594 -6.81 -9.68 35.04
C GLY A 594 -6.47 -10.49 33.81
N GLY A 595 -7.46 -11.11 33.18
CA GLY A 595 -7.24 -11.84 31.95
C GLY A 595 -6.96 -13.31 32.14
N ALA A 596 -6.94 -13.81 33.39
CA ALA A 596 -6.65 -15.22 33.62
C ALA A 596 -7.83 -16.10 33.21
N THR A 597 -9.06 -15.64 33.45
CA THR A 597 -10.25 -16.46 33.29
C THR A 597 -11.30 -15.61 32.61
N PHE A 598 -11.91 -16.14 31.55
CA PHE A 598 -13.00 -15.47 30.86
C PHE A 598 -14.26 -16.31 30.96
N THR A 599 -15.38 -15.63 31.20
CA THR A 599 -16.69 -16.26 31.25
C THR A 599 -17.60 -15.56 30.25
N ALA A 600 -18.45 -16.34 29.59
CA ALA A 600 -19.37 -15.76 28.62
C ALA A 600 -20.43 -14.94 29.33
N THR A 601 -20.89 -13.90 28.65
CA THR A 601 -22.10 -13.16 29.00
C THR A 601 -23.19 -13.51 28.00
N GLY A 602 -24.37 -12.89 28.15
CA GLY A 602 -25.53 -13.27 27.36
C GLY A 602 -25.76 -12.56 26.04
N ALA A 603 -24.79 -11.78 25.56
CA ALA A 603 -25.05 -10.81 24.50
C ALA A 603 -25.47 -11.48 23.20
N SER A 604 -26.61 -11.05 22.67
CA SER A 604 -27.22 -11.62 21.48
C SER A 604 -27.09 -10.69 20.29
N GLY A 605 -27.29 -11.26 19.11
CA GLY A 605 -27.37 -10.47 17.89
C GLY A 605 -26.06 -10.07 17.28
N PHE A 606 -24.93 -10.29 17.97
CA PHE A 606 -23.64 -9.97 17.39
C PHE A 606 -23.41 -10.87 16.17
N PRO A 607 -22.74 -10.37 15.14
CA PRO A 607 -22.39 -11.24 14.01
C PRO A 607 -21.60 -12.43 14.53
N THR A 608 -22.18 -13.63 14.36
CA THR A 608 -21.41 -14.81 14.70
C THR A 608 -20.29 -15.04 13.72
N ASN A 609 -20.43 -14.53 12.49
CA ASN A 609 -19.54 -14.90 11.39
C ASN A 609 -19.36 -16.40 11.36
N ASN A 610 -20.42 -17.15 11.71
CA ASN A 610 -20.30 -18.59 11.84
C ASN A 610 -21.56 -19.32 11.37
N VAL A 611 -22.34 -18.69 10.50
CA VAL A 611 -23.49 -19.32 9.88
C VAL A 611 -23.43 -19.00 8.40
N ALA A 612 -24.04 -19.87 7.59
CA ALA A 612 -24.22 -19.66 6.16
C ALA A 612 -22.92 -19.20 5.47
N GLY A 613 -21.85 -19.95 5.68
CA GLY A 613 -20.62 -19.75 4.95
C GLY A 613 -19.65 -18.73 5.51
N LEU A 614 -19.88 -18.21 6.71
CA LEU A 614 -19.00 -17.21 7.28
C LEU A 614 -18.03 -17.87 8.26
N GLN A 615 -16.84 -17.25 8.41
CA GLN A 615 -15.74 -17.74 9.23
C GLN A 615 -15.48 -16.82 10.40
N PRO A 616 -15.36 -17.36 11.63
CA PRO A 616 -15.31 -16.47 12.81
C PRO A 616 -14.05 -15.66 12.94
N ASN A 617 -12.87 -16.24 12.65
CA ASN A 617 -11.62 -15.55 12.91
C ASN A 617 -11.25 -14.56 11.80
N GLU A 618 -12.17 -14.23 10.92
CA GLU A 618 -11.94 -13.18 9.93
C GLU A 618 -13.08 -12.17 9.93
N ALA A 619 -13.70 -11.95 11.09
CA ALA A 619 -14.80 -11.03 11.23
C ALA A 619 -14.29 -9.58 11.29
N GLN A 620 -15.19 -8.65 10.94
CA GLN A 620 -14.93 -7.21 11.03
C GLN A 620 -15.49 -6.75 12.36
N ILE A 621 -14.60 -6.49 13.33
CA ILE A 621 -15.04 -6.22 14.70
C ILE A 621 -14.21 -5.09 15.29
N SER A 622 -14.88 -4.07 15.82
CA SER A 622 -14.24 -2.95 16.51
C SER A 622 -14.86 -2.90 17.90
N MET A 623 -14.06 -3.13 18.94
CA MET A 623 -14.60 -3.23 20.31
CA MET A 623 -14.61 -3.20 20.29
C MET A 623 -13.65 -2.52 21.27
N LYS A 624 -14.16 -1.51 21.98
CA LYS A 624 -13.33 -0.67 22.85
C LYS A 624 -14.10 -0.27 24.09
N ALA A 625 -13.43 -0.35 25.25
CA ALA A 625 -14.01 0.24 26.45
C ALA A 625 -13.67 1.72 26.51
N VAL A 626 -14.50 2.46 27.25
CA VAL A 626 -14.44 3.93 27.20
C VAL A 626 -13.50 4.47 28.28
N PRO A 627 -12.54 5.31 27.90
CA PRO A 627 -11.71 5.98 28.91
C PRO A 627 -12.56 6.64 29.98
N GLY A 628 -12.21 6.34 31.23
CA GLY A 628 -12.87 7.02 32.34
C GLY A 628 -14.15 6.41 32.85
N ILE A 629 -14.68 5.36 32.21
CA ILE A 629 -15.94 4.78 32.65
C ILE A 629 -15.80 3.27 32.69
N GLU A 630 -15.70 2.72 33.90
CA GLU A 630 -15.65 1.28 34.02
C GLU A 630 -16.91 0.64 33.44
N GLY A 631 -16.71 -0.44 32.70
CA GLY A 631 -17.84 -1.26 32.27
C GLY A 631 -18.60 -0.70 31.08
N ASP A 632 -18.09 0.34 30.44
CA ASP A 632 -18.73 0.99 29.31
C ASP A 632 -17.98 0.58 28.04
N ILE A 633 -18.66 -0.14 27.14
CA ILE A 633 -18.03 -0.75 25.97
C ILE A 633 -18.89 -0.47 24.76
N TRP A 634 -18.25 -0.07 23.66
CA TRP A 634 -18.93 0.04 22.37
C TRP A 634 -18.36 -1.02 21.43
N PHE A 635 -19.25 -1.54 20.57
CA PHE A 635 -18.94 -2.62 19.64
C PHE A 635 -19.54 -2.27 18.28
N ALA A 636 -18.70 -2.24 17.25
CA ALA A 636 -19.16 -2.02 15.90
C ALA A 636 -18.73 -3.18 15.02
N GLY A 637 -19.59 -3.60 14.11
CA GLY A 637 -19.19 -4.56 13.11
C GLY A 637 -20.39 -5.36 12.65
N GLY A 638 -20.08 -6.37 11.82
CA GLY A 638 -21.08 -7.27 11.28
C GLY A 638 -21.13 -7.34 9.77
N ASN A 639 -22.25 -7.83 9.25
CA ASN A 639 -22.40 -8.00 7.81
C ASN A 639 -23.87 -8.19 7.48
N THR A 640 -24.18 -8.08 6.18
CA THR A 640 -25.57 -8.16 5.76
C THR A 640 -26.03 -9.60 5.56
N VAL A 641 -25.09 -10.53 5.33
CA VAL A 641 -25.47 -11.94 5.16
C VAL A 641 -26.21 -12.46 6.39
N GLU A 642 -25.82 -12.00 7.58
CA GLU A 642 -26.46 -12.43 8.82
C GLU A 642 -27.53 -11.48 9.33
N ASN A 643 -27.68 -10.30 8.75
CA ASN A 643 -28.56 -9.26 9.28
C ASN A 643 -28.16 -8.90 10.71
N LYS A 644 -26.85 -8.86 10.93
CA LYS A 644 -26.26 -8.56 12.25
C LYS A 644 -25.16 -7.55 11.99
N TYR A 645 -25.50 -6.26 12.04
CA TYR A 645 -24.59 -5.22 11.55
C TYR A 645 -24.97 -3.92 12.22
N GLY A 646 -24.01 -3.25 12.84
CA GLY A 646 -24.39 -1.97 13.42
C GLY A 646 -23.45 -1.61 14.56
N LEU A 647 -24.00 -0.85 15.51
CA LEU A 647 -23.25 -0.31 16.64
C LEU A 647 -23.98 -0.63 17.93
N TRP A 648 -23.28 -1.24 18.88
CA TRP A 648 -23.86 -1.67 20.15
C TRP A 648 -23.15 -0.98 21.32
N HIS A 649 -23.90 -0.78 22.41
CA HIS A 649 -23.37 -0.10 23.59
C HIS A 649 -23.75 -0.86 24.85
N SER A 650 -22.76 -1.15 25.70
CA SER A 650 -22.99 -1.73 27.02
C SER A 650 -22.51 -0.77 28.10
N THR A 651 -23.26 -0.68 29.20
CA THR A 651 -22.79 0.05 30.37
C THR A 651 -22.69 -0.85 31.59
N ASN A 652 -22.80 -2.17 31.41
CA ASN A 652 -22.76 -3.10 32.54
C ASN A 652 -21.70 -4.16 32.31
N SER A 653 -20.54 -3.74 31.81
CA SER A 653 -19.39 -4.64 31.64
C SER A 653 -19.71 -5.80 30.70
N GLY A 654 -20.54 -5.54 29.68
CA GLY A 654 -20.80 -6.56 28.68
C GLY A 654 -21.89 -7.56 29.05
N ALA A 655 -22.55 -7.37 30.19
CA ALA A 655 -23.67 -8.25 30.50
C ALA A 655 -24.77 -8.14 29.47
N SER A 656 -25.01 -6.92 28.96
CA SER A 656 -25.98 -6.74 27.89
C SER A 656 -25.62 -5.49 27.08
N PHE A 657 -26.00 -5.50 25.80
CA PHE A 657 -25.78 -4.38 24.89
C PHE A 657 -27.09 -3.90 24.30
N THR A 658 -27.17 -2.59 24.09
CA THR A 658 -28.22 -1.99 23.28
C THR A 658 -27.67 -1.78 21.88
N LYS A 659 -28.40 -2.27 20.89
CA LYS A 659 -28.07 -2.03 19.49
C LYS A 659 -28.71 -0.71 19.11
N LEU A 660 -27.91 0.23 18.64
CA LEU A 660 -28.46 1.54 18.33
C LEU A 660 -29.39 1.43 17.12
N THR A 661 -30.62 1.93 17.29
CA THR A 661 -31.61 1.77 16.24
C THR A 661 -31.36 2.69 15.06
N ASN A 662 -30.52 3.71 15.23
CA ASN A 662 -30.32 4.72 14.20
C ASN A 662 -29.01 4.52 13.42
N VAL A 663 -28.41 3.33 13.49
CA VAL A 663 -27.18 3.05 12.77
C VAL A 663 -27.37 1.74 12.00
N GLU A 664 -27.46 1.83 10.67
CA GLU A 664 -27.82 0.69 9.86
C GLU A 664 -26.68 -0.30 9.73
N GLU A 665 -25.47 0.21 9.54
CA GLU A 665 -24.25 -0.58 9.49
C GLU A 665 -23.17 0.20 10.21
N ALA A 666 -22.27 -0.50 10.90
CA ALA A 666 -21.09 0.18 11.44
C ALA A 666 -19.94 -0.80 11.46
N ASP A 667 -18.72 -0.28 11.29
CA ASP A 667 -17.55 -1.14 11.18
C ASP A 667 -16.43 -0.78 12.13
N LEU A 668 -16.37 0.46 12.62
CA LEU A 668 -15.33 0.92 13.54
C LEU A 668 -15.95 1.89 14.52
N ILE A 669 -15.42 1.92 15.73
CA ILE A 669 -15.81 2.92 16.72
C ILE A 669 -14.55 3.46 17.38
N GLY A 670 -14.58 4.75 17.73
CA GLY A 670 -13.50 5.35 18.50
C GLY A 670 -14.03 6.54 19.26
N TYR A 671 -13.18 7.08 20.14
CA TYR A 671 -13.59 8.13 21.08
C TYR A 671 -12.63 9.29 21.07
N GLY A 672 -13.19 10.49 21.33
CA GLY A 672 -12.40 11.70 21.47
C GLY A 672 -12.99 12.63 22.50
N LYS A 673 -12.30 13.75 22.70
CA LYS A 673 -12.68 14.69 23.75
C LYS A 673 -14.15 15.11 23.62
N ALA A 674 -14.84 15.19 24.76
CA ALA A 674 -16.22 15.66 24.79
C ALA A 674 -16.37 17.06 24.19
N ALA A 675 -17.53 17.29 23.58
CA ALA A 675 -17.87 18.62 23.08
C ALA A 675 -18.03 19.61 24.23
N PRO A 676 -17.86 20.90 23.95
CA PRO A 676 -18.09 21.91 24.98
C PRO A 676 -19.47 21.75 25.61
N GLY A 677 -19.50 21.72 26.94
CA GLY A 677 -20.73 21.55 27.68
C GLY A 677 -21.22 20.13 27.83
N GLN A 678 -20.57 19.15 27.19
CA GLN A 678 -20.90 17.75 27.30
C GLN A 678 -19.93 17.06 28.24
N THR A 679 -20.38 15.95 28.83
CA THR A 679 -19.52 15.16 29.69
C THR A 679 -19.03 13.89 29.01
N TYR A 680 -19.84 13.33 28.13
CA TYR A 680 -19.48 12.06 27.49
C TYR A 680 -18.58 12.33 26.29
N MET A 681 -17.61 11.45 26.11
CA MET A 681 -16.71 11.56 24.97
C MET A 681 -17.47 11.55 23.65
N SER A 682 -16.93 12.27 22.67
CA SER A 682 -17.47 12.22 21.33
CA SER A 682 -17.47 12.23 21.32
C SER A 682 -17.17 10.87 20.70
N LEU A 683 -18.15 10.36 19.96
CA LEU A 683 -18.00 9.08 19.25
C LEU A 683 -17.71 9.32 17.78
N TYR A 684 -16.75 8.55 17.25
CA TYR A 684 -16.37 8.58 15.84
C TYR A 684 -16.60 7.19 15.27
N THR A 685 -17.34 7.11 14.16
CA THR A 685 -17.63 5.80 13.61
C THR A 685 -17.50 5.80 12.09
N VAL A 686 -17.16 4.63 11.55
CA VAL A 686 -17.26 4.35 10.12
C VAL A 686 -18.52 3.54 9.97
N ALA A 687 -19.48 4.07 9.22
CA ALA A 687 -20.84 3.54 9.30
C ALA A 687 -21.67 3.90 8.06
N LYS A 688 -22.82 3.24 7.96
CA LYS A 688 -23.87 3.65 7.04
C LYS A 688 -25.01 4.15 7.91
N ILE A 689 -25.29 5.46 7.85
CA ILE A 689 -26.27 6.08 8.74
C ILE A 689 -27.20 6.95 7.90
N ASP A 690 -28.51 6.80 8.10
CA ASP A 690 -29.50 7.55 7.34
C ASP A 690 -29.27 7.38 5.84
N GLY A 691 -28.91 6.16 5.43
CA GLY A 691 -28.69 5.83 4.04
C GLY A 691 -27.36 6.25 3.45
N VAL A 692 -26.46 6.86 4.22
CA VAL A 692 -25.21 7.41 3.71
C VAL A 692 -24.03 6.68 4.32
N ARG A 693 -23.16 6.15 3.46
CA ARG A 693 -21.86 5.60 3.87
C ARG A 693 -20.90 6.74 4.16
N GLY A 694 -20.21 6.67 5.29
CA GLY A 694 -19.19 7.67 5.56
C GLY A 694 -18.58 7.52 6.95
N VAL A 695 -18.02 8.63 7.40
CA VAL A 695 -17.42 8.77 8.72
C VAL A 695 -18.31 9.76 9.49
N PHE A 696 -18.69 9.40 10.73
CA PHE A 696 -19.70 10.16 11.47
C PHE A 696 -19.22 10.46 12.89
N ARG A 697 -19.74 11.55 13.46
CA ARG A 697 -19.45 11.92 14.83
C ARG A 697 -20.75 12.11 15.59
N SER A 698 -20.80 11.61 16.82
CA SER A 698 -21.91 11.90 17.73
C SER A 698 -21.38 12.56 18.99
N ASP A 699 -22.03 13.67 19.38
CA ASP A 699 -21.67 14.36 20.61
C ASP A 699 -22.71 14.12 21.70
N ASP A 700 -23.64 13.20 21.49
CA ASP A 700 -24.73 12.96 22.45
C ASP A 700 -24.94 11.47 22.67
N VAL A 701 -23.85 10.71 22.78
CA VAL A 701 -23.88 9.30 23.15
C VAL A 701 -24.68 8.52 22.09
N GLY A 702 -24.57 8.95 20.84
CA GLY A 702 -25.15 8.20 19.75
C GLY A 702 -26.59 8.52 19.44
N ALA A 703 -27.19 9.50 20.12
CA ALA A 703 -28.56 9.89 19.81
C ALA A 703 -28.65 10.50 18.41
N THR A 704 -27.67 11.31 18.02
CA THR A 704 -27.64 11.92 16.70
C THR A 704 -26.23 11.87 16.13
N TRP A 705 -26.13 11.86 14.81
CA TRP A 705 -24.87 11.67 14.11
C TRP A 705 -24.76 12.71 13.01
N VAL A 706 -23.55 13.24 12.80
CA VAL A 706 -23.28 14.08 11.64
C VAL A 706 -22.14 13.47 10.84
N ARG A 707 -22.29 13.47 9.53
CA ARG A 707 -21.21 13.02 8.66
C ARG A 707 -20.08 14.06 8.66
N ILE A 708 -18.86 13.61 8.97
CA ILE A 708 -17.71 14.50 9.00
C ILE A 708 -16.75 14.30 7.86
N ASN A 709 -16.97 13.30 7.00
CA ASN A 709 -16.28 13.29 5.72
C ASN A 709 -17.28 13.68 4.63
N ASP A 710 -16.87 13.50 3.38
CA ASP A 710 -17.73 13.86 2.25
C ASP A 710 -17.31 13.00 1.06
N ASP A 711 -18.03 13.18 -0.06
CA ASP A 711 -17.81 12.32 -1.22
C ASP A 711 -16.44 12.49 -1.86
N ALA A 712 -15.73 13.59 -1.55
CA ALA A 712 -14.39 13.79 -2.08
C ALA A 712 -13.30 13.24 -1.16
N HIS A 713 -13.66 12.81 0.05
CA HIS A 713 -12.70 12.35 1.04
C HIS A 713 -13.23 11.07 1.68
N GLN A 714 -13.17 9.97 0.93
CA GLN A 714 -13.73 8.68 1.33
C GLN A 714 -12.68 7.62 1.62
N TYR A 715 -11.61 7.55 0.82
CA TYR A 715 -10.45 6.71 1.13
C TYR A 715 -10.74 5.21 1.07
N ALA A 716 -11.68 4.82 0.20
CA ALA A 716 -11.88 3.41 -0.18
C ALA A 716 -12.36 2.58 1.01
N LYS A 717 -11.79 1.40 1.26
CA LYS A 717 -12.40 0.53 2.29
C LYS A 717 -11.77 0.85 3.64
N ILE A 718 -12.40 1.81 4.34
CA ILE A 718 -11.92 2.33 5.62
C ILE A 718 -12.47 1.50 6.79
N ASN A 719 -12.16 0.21 6.78
CA ASN A 719 -12.58 -0.69 7.85
C ASN A 719 -11.39 -1.06 8.73
N MET A 720 -10.40 -0.17 8.78
CA MET A 720 -9.08 -0.45 9.39
C MET A 720 -8.95 0.04 10.83
N ALA A 721 -9.12 1.33 11.08
CA ALA A 721 -8.89 1.85 12.43
C ALA A 721 -9.45 3.27 12.50
N ILE A 722 -9.93 3.67 13.67
CA ILE A 722 -10.34 5.05 13.88
C ILE A 722 -10.16 5.39 15.35
N THR A 723 -9.79 6.64 15.63
CA THR A 723 -9.90 7.12 17.00
C THR A 723 -10.10 8.63 17.00
N GLY A 724 -10.82 9.11 18.01
CA GLY A 724 -10.72 10.51 18.33
C GLY A 724 -9.46 10.81 19.12
N ASP A 725 -9.36 12.08 19.52
CA ASP A 725 -8.22 12.59 20.26
C ASP A 725 -8.75 13.01 21.62
N PRO A 726 -8.32 12.38 22.72
CA PRO A 726 -8.88 12.73 24.04
C PRO A 726 -8.56 14.15 24.46
N ARG A 727 -7.64 14.82 23.76
CA ARG A 727 -7.24 16.17 24.12
C ARG A 727 -7.73 17.23 23.12
N ILE A 728 -8.35 16.84 22.01
CA ILE A 728 -8.76 17.81 20.99
C ILE A 728 -10.19 17.50 20.54
N TYR A 729 -11.16 18.32 20.97
CA TYR A 729 -12.53 18.09 20.53
C TYR A 729 -12.62 18.23 19.00
N GLY A 730 -13.33 17.28 18.38
CA GLY A 730 -13.63 17.33 16.97
C GLY A 730 -12.62 16.61 16.10
N ARG A 731 -11.41 16.39 16.61
CA ARG A 731 -10.33 15.77 15.86
C ARG A 731 -10.63 14.29 15.64
N VAL A 732 -10.47 13.82 14.41
CA VAL A 732 -10.54 12.39 14.14
C VAL A 732 -9.23 11.95 13.48
N TYR A 733 -8.79 10.73 13.82
CA TYR A 733 -7.70 10.04 13.14
C TYR A 733 -8.30 8.83 12.46
N LEU A 734 -8.14 8.76 11.12
CA LEU A 734 -8.75 7.70 10.31
C LEU A 734 -7.67 6.87 9.65
N GLY A 735 -7.64 5.57 9.96
CA GLY A 735 -6.77 4.67 9.22
C GLY A 735 -7.37 4.27 7.90
N THR A 736 -6.51 3.80 6.99
CA THR A 736 -6.96 3.36 5.68
C THR A 736 -6.17 2.12 5.29
N ASN A 737 -6.53 1.54 4.15
CA ASN A 737 -5.78 0.42 3.58
C ASN A 737 -5.17 0.87 2.25
N GLY A 738 -4.11 1.68 2.38
CA GLY A 738 -3.39 2.17 1.20
C GLY A 738 -3.32 3.68 1.07
N ARG A 739 -3.96 4.44 1.98
CA ARG A 739 -3.85 5.90 1.98
C ARG A 739 -3.26 6.43 3.28
N GLY A 740 -2.58 5.57 4.04
CA GLY A 740 -2.00 6.05 5.30
C GLY A 740 -3.07 6.44 6.31
N THR A 741 -2.71 7.38 7.17
CA THR A 741 -3.58 7.87 8.22
C THR A 741 -3.95 9.31 7.89
N LEU A 742 -5.23 9.64 8.03
CA LEU A 742 -5.73 11.00 7.90
C LEU A 742 -6.01 11.59 9.27
N TYR A 743 -5.91 12.89 9.38
CA TYR A 743 -6.48 13.58 10.51
C TYR A 743 -7.36 14.70 9.99
N ALA A 744 -8.44 14.97 10.73
CA ALA A 744 -9.42 15.94 10.26
C ALA A 744 -10.03 16.67 11.44
N ASP A 745 -10.32 17.95 11.20
CA ASP A 745 -10.93 18.88 12.13
C ASP A 745 -12.09 19.59 11.45
N PRO A 746 -13.08 20.05 12.20
CA PRO A 746 -14.15 20.88 11.62
C PRO A 746 -13.58 22.10 10.90
N VAL A 747 -14.30 22.55 9.88
CA VAL A 747 -13.79 23.59 8.96
C VAL A 747 -13.33 24.94 9.55
C2 BGC B . 1.96 -3.63 -1.63
C3 BGC B . 0.56 -4.14 -1.41
C4 BGC B . 0.20 -4.34 0.05
C5 BGC B . 0.52 -3.05 0.80
C6 BGC B . 0.26 -3.10 2.27
C1 BGC B . 2.17 -2.36 -0.83
O1 BGC B . 3.45 -1.89 -0.84
O2 BGC B . 2.12 -3.31 -3.03
O3 BGC B . 0.44 -5.44 -2.03
O4 BGC B . -1.24 -4.44 0.07
O5 BGC B . 1.93 -2.68 0.60
O6 BGC B . 1.10 -4.09 2.85
C2 BGC B . -3.14 -5.01 1.44
C3 BGC B . -3.87 -6.15 2.07
C4 BGC B . -3.92 -7.40 1.22
C5 BGC B . -2.50 -7.80 0.80
C6 BGC B . -2.45 -8.96 -0.18
C1 BGC B . -1.78 -5.44 0.91
O2 BGC B . -2.92 -3.98 2.44
O3 BGC B . -5.26 -5.78 2.36
O4 BGC B . -4.46 -8.45 2.02
O5 BGC B . -1.89 -6.66 0.11
O6 BGC B . -1.08 -9.36 -0.29
C2 BGC B . -5.79 -10.47 2.08
C3 BGC B . -6.97 -11.16 1.50
C4 BGC B . -8.16 -10.25 1.38
C5 BGC B . -7.75 -9.02 0.55
C6 BGC B . -8.82 -8.01 0.31
C1 BGC B . -5.49 -9.17 1.34
O2 BGC B . -4.63 -11.33 2.04
O3 BGC B . -7.24 -12.26 2.42
O4 BGC B . -9.22 -10.90 0.64
O5 BGC B . -6.68 -8.31 1.26
O6 BGC B . -9.53 -7.74 1.50
C2 BGC B . -11.48 -11.83 0.90
C3 BGC B . -12.33 -12.78 1.68
C4 BGC B . -11.67 -14.10 1.91
C5 BGC B . -10.34 -13.89 2.62
C6 BGC B . -9.63 -15.18 2.90
C1 BGC B . -10.08 -11.70 1.50
O2 BGC B . -12.10 -10.54 0.92
O3 BGC B . -13.58 -13.01 0.95
O4 BGC B . -12.50 -14.96 2.71
O5 BGC B . -9.48 -13.05 1.75
O6 BGC B . -8.35 -14.82 3.34
C1 XYS B . -7.50 -15.94 3.60
C2 XYS B . -6.50 -15.53 4.68
C3 XYS B . -5.54 -14.52 4.15
C4 XYS B . -4.82 -15.02 2.93
C5 XYS B . -5.82 -15.48 1.85
O2 XYS B . -7.18 -14.97 5.80
O3 XYS B . -4.57 -14.20 5.18
O4 XYS B . -4.01 -13.97 2.41
O5 XYS B . -6.83 -16.43 2.36
C1 XYS B . -9.26 -6.42 1.97
C2 XYS B . -10.08 -6.16 3.22
C3 XYS B . -11.52 -6.30 2.87
C4 XYS B . -11.92 -5.27 1.86
C5 XYS B . -11.02 -5.23 0.63
O2 XYS B . -9.72 -7.11 4.25
O3 XYS B . -12.29 -6.06 4.07
O4 XYS B . -13.25 -5.55 1.42
O5 XYS B . -9.58 -5.40 0.94
C1 XYS B . -0.87 -10.22 -1.41
C2 XYS B . 0.57 -10.71 -1.35
C3 XYS B . 1.52 -9.55 -1.49
C4 XYS B . 1.18 -8.78 -2.72
C5 XYS B . -0.28 -8.31 -2.77
O2 XYS B . 0.82 -11.31 -0.08
O3 XYS B . 2.87 -10.09 -1.66
O4 XYS B . 1.93 -7.57 -2.76
O5 XYS B . -1.16 -9.47 -2.64
C1 GAL B . 0.83 -12.73 -0.18
C2 GAL B . 1.52 -13.29 1.05
C3 GAL B . 1.46 -14.77 1.08
C4 GAL B . 0.05 -15.29 0.92
C5 GAL B . -0.66 -14.71 -0.31
C6 GAL B . -2.12 -15.06 -0.32
O2 GAL B . 2.90 -12.90 1.01
O3 GAL B . 1.97 -15.22 2.37
O4 GAL B . -0.68 -14.96 2.10
O5 GAL B . -0.57 -13.24 -0.35
O6 GAL B . -2.30 -16.40 -0.74
C2 BGC C . 29.94 -14.13 -3.13
C3 BGC C . 28.79 -13.71 -2.27
C4 BGC C . 28.90 -14.21 -0.84
C5 BGC C . 30.31 -13.89 -0.30
C6 BGC C . 30.58 -14.46 1.06
C1 BGC C . 31.25 -13.70 -2.51
O1 BGC C . 32.29 -14.11 -3.27
O2 BGC C . 29.87 -13.52 -4.43
O3 BGC C . 27.61 -14.23 -2.94
O4 BGC C . 28.00 -13.57 0.08
O5 BGC C . 31.35 -14.37 -1.20
O6 BGC C . 30.25 -15.82 1.05
C2 BGC C . 26.00 -13.65 1.35
C3 BGC C . 24.59 -14.05 1.37
C4 BGC C . 23.82 -13.51 0.18
C5 BGC C . 24.50 -14.00 -1.10
C6 BGC C . 23.87 -13.40 -2.33
C1 BGC C . 26.67 -14.07 0.07
O2 BGC C . 26.70 -14.22 2.47
O3 BGC C . 24.02 -13.50 2.59
O4 BGC C . 22.50 -14.07 0.18
O5 BGC C . 25.88 -13.53 -1.06
O6 BGC C . 24.43 -14.03 -3.47
C2 BGC C . 20.24 -13.52 -0.32
C3 BGC C . 19.23 -12.42 -0.28
C4 BGC C . 19.11 -11.76 1.05
C5 BGC C . 20.47 -11.34 1.60
C6 BGC C . 20.41 -10.86 3.03
C1 BGC C . 21.54 -13.00 0.23
O2 BGC C . 20.37 -14.00 -1.68
O3 BGC C . 17.98 -13.00 -0.78
O4 BGC C . 18.46 -10.47 0.88
O5 BGC C . 21.36 -12.51 1.61
O6 BGC C . 20.03 -11.95 3.81
C2 BGC C . 16.74 -9.03 1.58
C3 BGC C . 15.29 -8.98 1.93
C4 BGC C . 14.39 -9.63 0.90
C5 BGC C . 14.85 -11.06 0.60
C6 BGC C . 14.11 -11.74 -0.51
C1 BGC C . 17.10 -10.46 1.31
O2 BGC C . 17.59 -8.52 2.62
O3 BGC C . 14.96 -7.58 2.07
O4 BGC C . 13.10 -9.81 1.48
O5 BGC C . 16.27 -11.05 0.25
O6 BGC C . 14.59 -13.05 -0.51
C2 BGC C . 10.74 -9.34 1.32
C3 BGC C . 9.76 -8.37 0.79
C4 BGC C . 10.01 -6.98 1.33
C5 BGC C . 11.47 -6.58 1.09
C6 BGC C . 11.81 -5.25 1.72
C1 BGC C . 12.15 -8.86 1.01
O2 BGC C . 10.55 -10.63 0.72
O3 BGC C . 8.47 -8.79 1.30
O4 BGC C . 9.29 -6.02 0.53
O5 BGC C . 12.38 -7.58 1.66
O6 BGC C . 11.76 -5.34 3.12
C2 BGC C . 7.75 -4.30 0.21
C3 BGC C . 6.34 -3.85 0.48
C4 BGC C . 5.37 -4.99 0.33
C5 BGC C . 5.76 -6.10 1.28
C6 BGC C . 4.85 -7.29 1.07
C1 BGC C . 8.07 -5.52 1.02
O2 BGC C . 8.69 -3.27 0.54
O3 BGC C . 5.95 -2.81 -0.43
O4 BGC C . 4.06 -4.57 0.67
O5 BGC C . 7.08 -6.58 0.86
O6 BGC C . 5.32 -8.34 1.89
C1 XYS C . 4.46 -9.47 1.79
C2 XYS C . 4.89 -10.49 2.83
C3 XYS C . 6.29 -10.90 2.57
C4 XYS C . 6.42 -11.45 1.18
C5 XYS C . 5.86 -10.52 0.11
O2 XYS C . 4.80 -9.90 4.12
O3 XYS C . 6.66 -11.89 3.57
O4 XYS C . 7.79 -11.74 0.82
O5 XYS C . 4.50 -10.08 0.46
C1 XYS C . 13.76 -13.85 -1.33
C2 XYS C . 14.13 -15.30 -1.10
C3 XYS C . 15.55 -15.52 -1.49
C4 XYS C . 15.85 -15.09 -2.89
C5 XYS C . 15.35 -13.67 -3.21
O2 XYS C . 14.01 -15.56 0.31
O3 XYS C . 15.87 -16.94 -1.38
O4 XYS C . 17.28 -15.11 -3.03
O5 XYS C . 13.96 -13.46 -2.76
C1 XYS C . 20.01 -11.65 5.21
C2 XYS C . 20.05 -12.94 6.02
C3 XYS C . 18.83 -13.74 5.72
C4 XYS C . 17.57 -12.99 6.00
C5 XYS C . 17.56 -11.58 5.39
O2 XYS C . 21.21 -13.69 5.66
O3 XYS C . 18.85 -14.96 6.53
O4 XYS C . 16.48 -13.72 5.44
O5 XYS C . 18.82 -10.83 5.63
C1 XYS C . 23.96 -13.46 -4.73
C2 XYS C . 24.38 -14.39 -5.86
C3 XYS C . 25.85 -14.35 -6.06
C4 XYS C . 26.34 -12.96 -6.28
C5 XYS C . 25.94 -12.01 -5.14
O2 XYS C . 24.07 -15.74 -5.46
O3 XYS C . 26.18 -15.12 -7.24
O4 XYS C . 27.76 -12.95 -6.32
O5 XYS C . 24.49 -12.09 -4.93
C1 GAL C . 22.86 -16.15 -6.12
C2 GAL C . 22.79 -17.67 -6.13
C3 GAL C . 21.50 -18.19 -6.64
C4 GAL C . 20.31 -17.49 -6.06
C5 GAL C . 20.44 -15.97 -6.14
C6 GAL C . 19.27 -15.30 -5.46
O2 GAL C . 23.89 -18.19 -6.91
O3 GAL C . 21.41 -19.61 -6.34
O4 GAL C . 20.20 -17.88 -4.68
O5 GAL C . 21.66 -15.53 -5.46
O6 GAL C . 19.58 -15.04 -4.12
CL CL D . 38.97 -2.03 1.12
CL CL E . 1.15 15.77 28.66
MG MG F . 19.74 7.36 10.06
MG MG G . -8.84 17.39 -0.17
MG MG H . 6.81 4.27 -16.06
C42 PE3 I . 3.67 1.45 34.60
C41 PE3 I . 4.33 0.25 35.28
O40 PE3 I . 4.01 -0.97 34.57
C39 PE3 I . 4.61 -2.09 35.25
C38 PE3 I . 4.16 -3.32 34.48
O37 PE3 I . 4.59 -4.60 34.98
C36 PE3 I . 4.12 -4.84 36.32
C35 PE3 I . 4.53 -6.25 36.74
O34 PE3 I . 5.95 -6.37 36.67
C33 PE3 I . 6.37 -7.67 37.04
C32 PE3 I . 7.87 -7.78 36.87
O31 PE3 I . 8.25 -9.13 37.24
C1 GOL J . 18.37 -17.59 -23.44
O1 GOL J . 17.05 -17.81 -23.81
C2 GOL J . 19.09 -17.04 -24.67
O2 GOL J . 18.27 -16.20 -25.41
C3 GOL J . 20.31 -16.31 -24.11
O3 GOL J . 20.41 -15.10 -24.78
C1 GOL K . 15.17 -18.41 -16.58
O1 GOL K . 15.81 -18.51 -15.34
C2 GOL K . 13.88 -19.27 -16.50
O2 GOL K . 13.57 -19.63 -15.18
C3 GOL K . 12.78 -18.40 -17.16
O3 GOL K . 12.09 -19.17 -18.08
C1 GOL L . 13.05 -7.88 4.96
O1 GOL L . 14.17 -8.65 5.33
C2 GOL L . 11.84 -8.85 4.89
O2 GOL L . 12.01 -9.97 5.70
C3 GOL L . 10.61 -7.99 5.31
O3 GOL L . 9.49 -8.84 5.27
#